data_8J0J
#
_entry.id   8J0J
#
_cell.length_a   1.00
_cell.length_b   1.00
_cell.length_c   1.00
_cell.angle_alpha   90.00
_cell.angle_beta   90.00
_cell.angle_gamma   90.00
#
_symmetry.space_group_name_H-M   'P 1'
#
loop_
_entity.id
_entity.type
_entity.pdbx_description
1 polymer 'Guard cell S-type anion channel SLAC1,Green fluorescent protein'
2 non-polymer 'CHLORIDE ION'
3 non-polymer 'CHOLESTEROL HEMISUCCINATE'
#
_entity_poly.entity_id   1
_entity_poly.type   'polypeptide(L)'
_entity_poly.pdbx_seq_one_letter_code
;MERKQSNAHSTFADINEVEDEAEQELQQQENNNNKRFSGNRGPNRGKQRPFRGFSRQVDLEDGFDVLNRESRERDDKKSL
PRSGRDFGGFESGGIINGGDGRKTDFDMFRTKSTLSKQKSLLPDIIRERDIENSLRTEDGETKDDDINENVDAGRYFAAL
RGPELDEVKDNEDILLPKEEQWPFLLRFPIGCFGICLGLSSQAVLWLALAKSPATNFLHITPLINLVVWLFSLVVLVSVS
FTYILKCIFYFEAVKREYFHPVRVNFFFAPWVVCMFLAISVPPMFSPNRKYLHPAIWCVFMGPYFFLELKIYGQWLSGGK
RRLCKVANPSSHLSVVGNFVGAILASKVGWDEVAKFLWAVGFAHYLVVFVTLYQRLPTSEALPKELHPVYSMFIAAPSAA
SIAWNTIYGQFDGCSRTCFFIALFLYISLVARINFFTGFKFSVAWWSYTFPMTTASVATIKYAEAVPGYPSRALALTLSF
ISTAMVCVLFVSTLLHAFVWQTLFPNDLAIAITKRKLTREKKPFKRAYDLKRWTKQALAKKISAEKDFEAEEESHHGSEN
LYFQSMSKGEELFTGVVPILVELDGDVNGHKFSVRGEGEGDATNGKLTLKFICTTGKLPVPWPTLVTTLTYGVQCFSRYP
DHMKRHDFFKSAMPEGYVQERTISFKDDGTYKTRAEVKFEGDTLVNRIELKGIDFKEDGNILGHKLEYNFNSHNVYITAD
KQKNGIKANFKIRHNVEDGSVQLADHYQQNTPIGDGPVLLPDNHYLSTQSVLSKDPNEKRDHMVLLEFVTAAGITHGMDE
LYKYPYDVPDYAGGGSHHHHHHHHHH
;
_entity_poly.pdbx_strand_id   A,B,C
#
loop_
_chem_comp.id
_chem_comp.type
_chem_comp.name
_chem_comp.formula
CL non-polymer 'CHLORIDE ION' 'Cl -1'
Y01 non-polymer 'CHOLESTEROL HEMISUCCINATE' 'C31 H50 O4'
#
# COMPACT_ATOMS: atom_id res chain seq x y z
N ASP A 105 1.33 50.96 -0.47
CA ASP A 105 0.26 50.16 -1.06
C ASP A 105 0.77 48.77 -1.42
N PHE A 106 2.05 48.70 -1.80
CA PHE A 106 2.70 47.44 -2.16
C PHE A 106 3.89 47.13 -1.26
N ASP A 107 4.00 47.82 -0.12
CA ASP A 107 5.18 47.69 0.72
C ASP A 107 5.14 46.48 1.65
N MET A 108 3.99 45.83 1.81
CA MET A 108 3.92 44.66 2.68
C MET A 108 4.60 43.44 2.05
N PHE A 109 4.59 43.35 0.71
CA PHE A 109 5.20 42.24 0.01
C PHE A 109 6.67 42.49 -0.33
N ARG A 110 7.19 43.68 -0.04
CA ARG A 110 8.59 43.97 -0.34
C ARG A 110 9.51 43.26 0.65
N THR A 111 10.77 43.14 0.25
CA THR A 111 11.77 42.51 1.11
C THR A 111 12.04 43.39 2.32
N LYS A 112 12.19 42.75 3.48
CA LYS A 112 12.48 43.47 4.71
C LYS A 112 13.98 43.67 4.91
N ASN A 148 1.46 39.24 7.50
CA ASN A 148 1.78 38.31 6.42
C ASN A 148 2.42 37.04 6.96
N GLU A 149 2.06 36.69 8.20
CA GLU A 149 2.62 35.50 8.82
C GLU A 149 2.17 34.25 8.07
N ASN A 150 2.89 33.16 8.30
CA ASN A 150 2.59 31.90 7.63
C ASN A 150 1.16 31.47 7.92
N VAL A 151 0.33 31.44 6.89
CA VAL A 151 -1.06 31.02 7.01
C VAL A 151 -1.15 29.52 6.87
N ASP A 152 -1.99 28.89 7.69
CA ASP A 152 -2.15 27.45 7.67
C ASP A 152 -2.77 27.00 6.35
N ALA A 153 -2.45 25.76 5.96
CA ALA A 153 -2.98 25.22 4.72
C ALA A 153 -4.50 25.18 4.71
N GLY A 154 -5.13 25.12 5.89
CA GLY A 154 -6.57 25.15 5.95
C GLY A 154 -7.16 26.43 5.39
N ARG A 155 -6.52 27.57 5.68
CA ARG A 155 -7.00 28.84 5.16
C ARG A 155 -6.91 28.88 3.63
N TYR A 156 -5.86 28.29 3.06
CA TYR A 156 -5.74 28.25 1.61
C TYR A 156 -6.90 27.48 0.98
N PHE A 157 -7.26 26.35 1.57
CA PHE A 157 -8.34 25.53 1.02
C PHE A 157 -9.71 26.17 1.23
N ALA A 158 -9.86 27.02 2.24
CA ALA A 158 -11.15 27.63 2.55
C ALA A 158 -11.43 28.89 1.76
N ALA A 159 -10.38 29.61 1.33
CA ALA A 159 -10.55 30.86 0.61
C ALA A 159 -10.28 30.74 -0.88
N LEU A 160 -9.76 29.60 -1.35
CA LEU A 160 -9.42 29.42 -2.74
C LEU A 160 -10.26 28.31 -3.36
N ARG A 161 -10.50 28.42 -4.65
CA ARG A 161 -11.33 27.46 -5.37
C ARG A 161 -10.69 27.16 -6.73
N GLY A 162 -11.02 25.99 -7.27
CA GLY A 162 -10.52 25.57 -8.55
C GLY A 162 -9.64 24.35 -8.47
N PRO A 163 -9.35 23.73 -9.62
CA PRO A 163 -8.49 22.53 -9.62
C PRO A 163 -7.05 22.83 -9.22
N GLU A 164 -6.65 24.10 -9.16
CA GLU A 164 -5.27 24.47 -8.84
C GLU A 164 -5.19 25.47 -7.70
N LEU A 165 -6.33 25.94 -7.17
CA LEU A 165 -6.34 26.89 -6.07
C LEU A 165 -5.72 28.22 -6.49
N ASP A 166 -6.28 28.79 -7.57
CA ASP A 166 -5.74 30.01 -8.16
C ASP A 166 -6.80 31.08 -8.33
N GLU A 167 -7.97 30.93 -7.71
CA GLU A 167 -9.05 31.90 -7.80
C GLU A 167 -9.63 32.15 -6.42
N VAL A 168 -9.95 33.40 -6.14
CA VAL A 168 -10.54 33.77 -4.85
C VAL A 168 -12.03 33.55 -4.90
N LYS A 169 -12.60 33.07 -3.78
CA LYS A 169 -14.04 32.90 -3.70
C LYS A 169 -14.74 34.26 -3.71
N ASP A 170 -16.07 34.22 -3.75
CA ASP A 170 -16.87 35.42 -3.94
C ASP A 170 -17.15 36.16 -2.65
N ASN A 171 -16.88 35.57 -1.49
CA ASN A 171 -17.08 36.24 -0.21
C ASN A 171 -15.77 36.63 0.46
N GLU A 172 -14.65 36.56 -0.25
CA GLU A 172 -13.35 36.81 0.34
C GLU A 172 -12.82 38.19 -0.08
N ASP A 173 -12.12 38.84 0.83
CA ASP A 173 -11.50 40.14 0.58
C ASP A 173 -9.99 39.99 0.48
N ILE A 174 -9.39 40.74 -0.44
CA ILE A 174 -7.96 40.66 -0.68
C ILE A 174 -7.28 41.86 -0.05
N LEU A 175 -5.95 41.81 0.03
CA LEU A 175 -5.16 42.85 0.67
C LEU A 175 -4.55 43.84 -0.33
N LEU A 176 -4.83 43.68 -1.62
CA LEU A 176 -4.25 44.50 -2.66
C LEU A 176 -5.33 44.99 -3.61
N PRO A 177 -5.08 46.06 -4.35
CA PRO A 177 -6.08 46.53 -5.32
C PRO A 177 -6.40 45.46 -6.35
N LYS A 178 -7.67 45.42 -6.77
CA LYS A 178 -8.17 44.40 -7.67
C LYS A 178 -8.30 44.88 -9.11
N GLU A 179 -8.12 46.18 -9.36
CA GLU A 179 -8.29 46.73 -10.70
C GLU A 179 -7.01 47.32 -11.26
N GLU A 180 -6.32 48.16 -10.49
CA GLU A 180 -5.09 48.78 -11.00
C GLU A 180 -4.02 47.74 -11.24
N GLN A 181 -3.29 47.88 -12.35
CA GLN A 181 -2.27 46.92 -12.71
C GLN A 181 -1.17 46.87 -11.65
N TRP A 182 -0.69 45.67 -11.38
CA TRP A 182 0.34 45.44 -10.38
C TRP A 182 1.71 45.57 -11.01
N PRO A 183 2.77 45.62 -10.19
CA PRO A 183 4.13 45.53 -10.74
C PRO A 183 4.34 44.20 -11.43
N PHE A 184 5.19 44.22 -12.47
CA PHE A 184 5.37 43.04 -13.29
C PHE A 184 5.90 41.86 -12.47
N LEU A 185 6.87 42.11 -11.58
CA LEU A 185 7.48 41.03 -10.83
C LEU A 185 6.54 40.43 -9.79
N LEU A 186 5.38 41.04 -9.55
CA LEU A 186 4.40 40.51 -8.62
C LEU A 186 3.33 39.67 -9.29
N ARG A 187 3.29 39.63 -10.62
CA ARG A 187 2.33 38.83 -11.36
C ARG A 187 3.02 37.79 -12.23
N PHE A 188 4.22 37.35 -11.82
CA PHE A 188 4.94 36.29 -12.51
C PHE A 188 5.01 35.09 -11.59
N PRO A 189 4.19 34.06 -11.80
CA PRO A 189 4.11 32.95 -10.85
C PRO A 189 5.27 31.97 -11.00
N ILE A 190 5.38 31.10 -10.00
CA ILE A 190 6.35 30.00 -10.02
C ILE A 190 5.98 28.91 -11.01
N GLY A 191 4.79 28.96 -11.60
CA GLY A 191 4.36 27.97 -12.56
C GLY A 191 4.77 28.23 -13.98
N CYS A 192 5.64 29.20 -14.23
CA CYS A 192 6.21 29.39 -15.56
C CYS A 192 7.39 28.46 -15.82
N PHE A 193 7.84 27.72 -14.80
CA PHE A 193 8.84 26.68 -14.97
C PHE A 193 8.26 25.41 -15.60
N GLY A 194 6.95 25.32 -15.74
CA GLY A 194 6.35 24.18 -16.41
C GLY A 194 6.52 24.20 -17.91
N ILE A 195 6.74 25.37 -18.50
CA ILE A 195 7.08 25.43 -19.92
C ILE A 195 8.41 24.75 -20.18
N CYS A 196 9.38 24.93 -19.26
CA CYS A 196 10.66 24.26 -19.41
C CYS A 196 10.51 22.75 -19.34
N LEU A 197 9.64 22.26 -18.45
CA LEU A 197 9.42 20.83 -18.33
C LEU A 197 8.81 20.25 -19.61
N GLY A 198 7.98 21.04 -20.32
CA GLY A 198 7.37 20.57 -21.54
C GLY A 198 8.31 20.55 -22.73
N LEU A 199 9.36 21.36 -22.71
CA LEU A 199 10.31 21.42 -23.82
C LEU A 199 11.55 20.57 -23.59
N SER A 200 11.97 20.39 -22.34
CA SER A 200 13.12 19.53 -22.07
C SER A 200 12.77 18.06 -22.16
N SER A 201 11.52 17.69 -21.90
CA SER A 201 11.07 16.32 -22.06
C SER A 201 10.85 15.94 -23.51
N GLN A 202 10.66 16.93 -24.40
CA GLN A 202 10.50 16.64 -25.82
C GLN A 202 11.83 16.44 -26.53
N ALA A 203 12.94 16.86 -25.92
CA ALA A 203 14.25 16.59 -26.51
C ALA A 203 14.70 15.15 -26.26
N VAL A 204 14.31 14.56 -25.14
CA VAL A 204 14.62 13.16 -24.88
C VAL A 204 13.89 12.27 -25.87
N LEU A 205 12.63 12.59 -26.17
CA LEU A 205 11.86 11.76 -27.09
C LEU A 205 12.47 11.72 -28.47
N TRP A 206 12.89 12.88 -28.99
CA TRP A 206 13.37 12.95 -30.36
C TRP A 206 14.81 12.46 -30.52
N LEU A 207 15.55 12.31 -29.42
CA LEU A 207 16.85 11.65 -29.51
C LEU A 207 16.72 10.14 -29.61
N ALA A 208 15.70 9.56 -28.97
CA ALA A 208 15.47 8.12 -29.06
C ALA A 208 14.82 7.74 -30.38
N LEU A 209 14.01 8.63 -30.96
CA LEU A 209 13.36 8.32 -32.23
C LEU A 209 14.39 8.15 -33.35
N ALA A 210 15.43 8.97 -33.34
CA ALA A 210 16.44 8.94 -34.40
C ALA A 210 17.56 7.95 -34.13
N LYS A 211 17.59 7.34 -32.94
CA LYS A 211 18.65 6.42 -32.57
C LYS A 211 18.17 5.04 -32.15
N SER A 212 16.90 4.87 -31.81
CA SER A 212 16.40 3.58 -31.37
C SER A 212 16.40 2.59 -32.53
N PRO A 213 16.82 1.35 -32.29
CA PRO A 213 16.77 0.34 -33.36
C PRO A 213 15.36 0.04 -33.83
N ALA A 214 14.36 0.22 -32.98
CA ALA A 214 12.97 -0.07 -33.34
C ALA A 214 12.36 0.97 -34.26
N THR A 215 13.01 2.13 -34.41
CA THR A 215 12.50 3.22 -35.23
C THR A 215 13.39 3.50 -36.44
N ASN A 216 14.32 2.59 -36.74
CA ASN A 216 15.29 2.83 -37.81
C ASN A 216 14.71 2.64 -39.20
N PHE A 217 13.46 2.20 -39.33
CA PHE A 217 12.86 2.12 -40.65
C PHE A 217 12.56 3.51 -41.20
N LEU A 218 12.13 4.43 -40.34
CA LEU A 218 12.06 5.83 -40.70
C LEU A 218 13.42 6.48 -40.48
N HIS A 219 13.67 7.56 -41.21
CA HIS A 219 14.98 8.22 -41.20
C HIS A 219 14.78 9.66 -40.73
N ILE A 220 14.92 9.87 -39.42
CA ILE A 220 14.72 11.18 -38.80
C ILE A 220 16.08 11.82 -38.60
N THR A 221 16.22 13.07 -39.00
CA THR A 221 17.50 13.74 -38.86
C THR A 221 17.82 13.97 -37.38
N PRO A 222 19.09 13.83 -36.98
CA PRO A 222 19.47 14.15 -35.60
C PRO A 222 19.42 15.64 -35.28
N LEU A 223 19.07 16.49 -36.24
CA LEU A 223 19.06 17.93 -36.02
C LEU A 223 17.79 18.43 -35.34
N ILE A 224 16.77 17.58 -35.20
CA ILE A 224 15.59 17.98 -34.43
C ILE A 224 15.92 18.06 -32.95
N ASN A 225 16.67 17.07 -32.45
CA ASN A 225 17.08 17.12 -31.04
C ASN A 225 17.97 18.31 -30.77
N LEU A 226 18.87 18.64 -31.71
CA LEU A 226 19.77 19.77 -31.51
C LEU A 226 19.00 21.07 -31.38
N VAL A 227 18.00 21.29 -32.24
CA VAL A 227 17.26 22.55 -32.20
C VAL A 227 16.41 22.64 -30.95
N VAL A 228 15.72 21.55 -30.60
CA VAL A 228 14.87 21.56 -29.41
C VAL A 228 15.72 21.68 -28.16
N TRP A 229 16.88 21.03 -28.13
CA TRP A 229 17.73 21.06 -26.95
C TRP A 229 18.29 22.46 -26.71
N LEU A 230 18.64 23.17 -27.78
CA LEU A 230 19.14 24.53 -27.62
C LEU A 230 18.03 25.51 -27.27
N PHE A 231 16.84 25.33 -27.87
CA PHE A 231 15.73 26.23 -27.58
C PHE A 231 15.27 26.09 -26.15
N SER A 232 15.19 24.86 -25.63
CA SER A 232 14.74 24.65 -24.26
C SER A 232 15.72 25.24 -23.25
N LEU A 233 17.03 25.21 -23.56
CA LEU A 233 18.01 25.78 -22.65
C LEU A 233 17.85 27.29 -22.53
N VAL A 234 17.57 27.97 -23.64
CA VAL A 234 17.41 29.42 -23.61
C VAL A 234 16.24 29.82 -22.73
N VAL A 235 15.12 29.10 -22.84
CA VAL A 235 13.94 29.43 -22.05
C VAL A 235 14.21 29.25 -20.57
N LEU A 236 14.96 28.20 -20.22
CA LEU A 236 15.25 27.93 -18.81
C LEU A 236 16.07 29.07 -18.20
N VAL A 237 17.02 29.62 -18.94
CA VAL A 237 17.86 30.69 -18.40
C VAL A 237 17.04 31.95 -18.20
N SER A 238 16.10 32.23 -19.11
CA SER A 238 15.29 33.44 -19.00
C SER A 238 14.32 33.35 -17.82
N VAL A 239 13.71 32.19 -17.61
CA VAL A 239 12.78 32.03 -16.50
C VAL A 239 13.51 32.05 -15.17
N SER A 240 14.69 31.41 -15.11
CA SER A 240 15.44 31.38 -13.86
C SER A 240 15.92 32.77 -13.45
N PHE A 241 16.38 33.56 -14.42
CA PHE A 241 16.90 34.89 -14.10
C PHE A 241 15.81 35.84 -13.64
N THR A 242 14.59 35.66 -14.13
CA THR A 242 13.50 36.55 -13.76
C THR A 242 12.99 36.25 -12.34
N TYR A 243 12.97 34.99 -11.95
CA TYR A 243 12.50 34.64 -10.61
C TYR A 243 13.50 35.04 -9.54
N ILE A 244 14.79 35.01 -9.85
CA ILE A 244 15.80 35.44 -8.88
C ILE A 244 15.64 36.92 -8.58
N LEU A 245 15.27 37.72 -9.58
CA LEU A 245 15.05 39.13 -9.35
C LEU A 245 13.88 39.37 -8.39
N LYS A 246 12.82 38.56 -8.50
CA LYS A 246 11.67 38.70 -7.62
C LYS A 246 12.06 38.43 -6.16
N CYS A 247 12.89 37.42 -5.94
CA CYS A 247 13.33 37.11 -4.58
C CYS A 247 14.15 38.25 -3.99
N ILE A 248 14.90 38.98 -4.81
CA ILE A 248 15.73 40.06 -4.30
C ILE A 248 14.92 41.32 -4.00
N PHE A 249 13.75 41.47 -4.60
CA PHE A 249 12.92 42.65 -4.39
C PHE A 249 11.59 42.35 -3.71
N TYR A 250 11.01 41.17 -3.94
CA TYR A 250 9.73 40.78 -3.33
C TYR A 250 9.91 39.40 -2.72
N PHE A 251 10.41 39.37 -1.48
CA PHE A 251 10.62 38.11 -0.78
C PHE A 251 9.41 37.67 0.03
N GLU A 252 8.51 38.58 0.37
CA GLU A 252 7.30 38.20 1.08
C GLU A 252 6.33 37.42 0.19
N ALA A 253 6.30 37.75 -1.10
CA ALA A 253 5.43 37.02 -2.02
C ALA A 253 5.99 35.64 -2.34
N VAL A 254 7.32 35.48 -2.30
CA VAL A 254 7.91 34.18 -2.56
C VAL A 254 7.60 33.22 -1.41
N LYS A 255 7.59 33.72 -0.18
CA LYS A 255 7.24 32.88 0.96
C LYS A 255 5.78 32.48 0.94
N ARG A 256 4.91 33.31 0.36
CA ARG A 256 3.50 32.96 0.25
C ARG A 256 3.31 31.77 -0.69
N GLU A 257 4.09 31.72 -1.77
CA GLU A 257 3.98 30.61 -2.70
C GLU A 257 4.60 29.33 -2.12
N TYR A 258 5.61 29.46 -1.28
CA TYR A 258 6.21 28.28 -0.67
C TYR A 258 5.22 27.56 0.22
N PHE A 259 4.36 28.30 0.92
CA PHE A 259 3.40 27.71 1.85
C PHE A 259 2.07 27.38 1.18
N HIS A 260 1.91 27.70 -0.10
CA HIS A 260 0.71 27.31 -0.82
C HIS A 260 0.74 25.80 -1.05
N PRO A 261 -0.32 25.08 -0.70
CA PRO A 261 -0.26 23.60 -0.74
C PRO A 261 0.00 23.04 -2.13
N VAL A 262 -0.34 23.77 -3.20
CA VAL A 262 -0.17 23.29 -4.56
C VAL A 262 1.12 23.81 -5.18
N ARG A 263 1.42 25.10 -4.99
CA ARG A 263 2.60 25.70 -5.60
C ARG A 263 3.91 25.24 -4.96
N VAL A 264 3.85 24.56 -3.82
CA VAL A 264 5.08 24.13 -3.16
C VAL A 264 5.82 23.10 -4.00
N ASN A 265 5.08 22.24 -4.70
CA ASN A 265 5.71 21.18 -5.50
C ASN A 265 6.44 21.71 -6.72
N PHE A 266 6.24 22.97 -7.09
CA PHE A 266 6.92 23.56 -8.24
C PHE A 266 8.29 24.12 -7.88
N PHE A 267 8.71 24.02 -6.62
CA PHE A 267 10.07 24.33 -6.24
C PHE A 267 11.03 23.17 -6.50
N PHE A 268 10.51 22.02 -6.93
CA PHE A 268 11.33 20.88 -7.30
C PHE A 268 11.63 20.84 -8.80
N ALA A 269 10.84 21.54 -9.60
CA ALA A 269 10.89 21.49 -11.06
C ALA A 269 12.14 22.15 -11.64
N PRO A 270 12.74 23.13 -10.98
CA PRO A 270 13.97 23.73 -11.54
C PRO A 270 15.11 22.75 -11.69
N TRP A 271 15.15 21.65 -10.91
CA TRP A 271 16.25 20.70 -11.01
C TRP A 271 15.91 19.51 -11.88
N VAL A 272 14.64 19.20 -12.08
CA VAL A 272 14.26 18.09 -12.94
C VAL A 272 14.46 18.47 -14.41
N VAL A 273 14.36 19.77 -14.71
CA VAL A 273 14.59 20.25 -16.07
C VAL A 273 16.07 20.17 -16.42
N CYS A 274 16.95 20.27 -15.42
CA CYS A 274 18.39 20.23 -15.67
C CYS A 274 18.89 18.80 -15.81
N MET A 275 18.19 17.84 -15.20
CA MET A 275 18.56 16.43 -15.32
C MET A 275 18.10 15.85 -16.65
N PHE A 276 16.96 16.30 -17.15
CA PHE A 276 16.50 15.88 -18.47
C PHE A 276 17.41 16.41 -19.57
N LEU A 277 17.96 17.61 -19.40
CA LEU A 277 18.85 18.21 -20.37
C LEU A 277 20.24 17.57 -20.37
N ALA A 278 20.63 16.94 -19.27
CA ALA A 278 21.93 16.27 -19.17
C ALA A 278 21.90 14.83 -19.66
N ILE A 279 20.74 14.17 -19.64
CA ILE A 279 20.62 12.84 -20.21
C ILE A 279 20.18 12.92 -21.68
N SER A 280 20.24 14.13 -22.26
CA SER A 280 19.77 14.32 -23.63
C SER A 280 20.73 15.15 -24.47
N VAL A 281 21.95 15.41 -24.00
CA VAL A 281 22.91 16.27 -24.69
C VAL A 281 23.10 15.83 -26.13
N PRO A 282 23.09 16.74 -27.09
CA PRO A 282 23.25 16.34 -28.50
C PRO A 282 24.61 15.72 -28.74
N PRO A 283 24.66 14.56 -29.42
CA PRO A 283 25.94 13.89 -29.63
C PRO A 283 27.06 14.80 -30.12
N MET A 284 26.73 15.79 -30.95
CA MET A 284 27.75 16.70 -31.48
C MET A 284 28.57 17.32 -30.36
N PHE A 285 27.92 17.63 -29.24
CA PHE A 285 28.58 18.28 -28.11
C PHE A 285 29.10 17.29 -27.07
N SER A 286 29.03 16.00 -27.35
CA SER A 286 29.42 15.09 -26.28
C SER A 286 30.84 14.57 -26.50
N PRO A 287 31.61 14.43 -25.41
CA PRO A 287 32.96 13.87 -25.55
C PRO A 287 32.92 12.38 -25.87
N ASN A 288 33.96 11.92 -26.56
CA ASN A 288 34.06 10.53 -26.97
C ASN A 288 34.52 9.68 -25.78
N ARG A 289 33.64 9.59 -24.79
CA ARG A 289 33.89 8.77 -23.61
C ARG A 289 32.61 8.01 -23.26
N LYS A 290 32.79 6.91 -22.53
CA LYS A 290 31.66 6.06 -22.18
C LYS A 290 30.78 6.66 -21.08
N TYR A 291 31.35 7.45 -20.19
CA TYR A 291 30.64 7.97 -19.03
C TYR A 291 30.82 9.48 -18.93
N LEU A 292 29.88 10.11 -18.25
CA LEU A 292 29.97 11.53 -17.93
C LEU A 292 30.68 11.73 -16.60
N HIS A 293 31.10 12.96 -16.36
CA HIS A 293 31.83 13.27 -15.14
C HIS A 293 30.88 13.20 -13.95
N PRO A 294 31.28 12.55 -12.85
CA PRO A 294 30.36 12.42 -11.69
C PRO A 294 29.97 13.75 -11.07
N ALA A 295 30.73 14.82 -11.29
CA ALA A 295 30.41 16.11 -10.68
C ALA A 295 29.11 16.69 -11.21
N ILE A 296 28.66 16.28 -12.40
CA ILE A 296 27.40 16.77 -12.93
C ILE A 296 26.23 16.26 -12.08
N TRP A 297 26.30 15.00 -11.66
CA TRP A 297 25.23 14.44 -10.83
C TRP A 297 25.16 15.14 -9.48
N CYS A 298 26.31 15.44 -8.88
CA CYS A 298 26.32 16.03 -7.55
C CYS A 298 25.76 17.45 -7.54
N VAL A 299 25.94 18.19 -8.64
CA VAL A 299 25.51 19.59 -8.65
C VAL A 299 24.02 19.73 -8.88
N PHE A 300 23.39 18.76 -9.53
CA PHE A 300 21.96 18.83 -9.83
C PHE A 300 21.09 18.01 -8.90
N MET A 301 21.60 16.91 -8.36
CA MET A 301 20.84 16.10 -7.42
C MET A 301 21.10 16.46 -5.97
N GLY A 302 22.06 17.34 -5.69
CA GLY A 302 22.33 17.75 -4.34
C GLY A 302 21.21 18.57 -3.73
N PRO A 303 20.86 19.69 -4.37
CA PRO A 303 19.73 20.49 -3.87
C PRO A 303 18.42 19.73 -3.83
N TYR A 304 18.18 18.82 -4.78
CA TYR A 304 16.93 18.07 -4.78
C TYR A 304 16.84 17.17 -3.56
N PHE A 305 17.92 16.48 -3.21
CA PHE A 305 17.90 15.60 -2.06
C PHE A 305 17.71 16.38 -0.76
N PHE A 306 18.34 17.55 -0.66
CA PHE A 306 18.20 18.35 0.55
C PHE A 306 16.76 18.79 0.76
N LEU A 307 16.08 19.22 -0.32
CA LEU A 307 14.71 19.68 -0.19
C LEU A 307 13.77 18.55 0.22
N GLU A 308 13.95 17.37 -0.36
CA GLU A 308 13.04 16.26 -0.07
C GLU A 308 13.28 15.64 1.30
N LEU A 309 14.47 15.84 1.87
CA LEU A 309 14.70 15.38 3.24
C LEU A 309 13.81 16.12 4.24
N LYS A 310 13.66 17.44 4.06
CA LYS A 310 12.83 18.21 4.97
C LYS A 310 11.35 17.92 4.76
N ILE A 311 10.92 17.82 3.50
CA ILE A 311 9.49 17.65 3.21
C ILE A 311 9.02 16.27 3.68
N TYR A 312 9.79 15.23 3.39
CA TYR A 312 9.39 13.89 3.76
C TYR A 312 9.28 13.73 5.26
N GLY A 313 10.18 14.38 6.02
CA GLY A 313 10.08 14.33 7.46
C GLY A 313 8.78 14.90 8.00
N GLN A 314 8.31 15.98 7.39
CA GLN A 314 7.05 16.58 7.82
C GLN A 314 5.86 15.67 7.53
N TRP A 315 5.92 14.90 6.45
CA TRP A 315 4.78 14.04 6.10
C TRP A 315 4.53 12.98 7.17
N LEU A 316 5.59 12.38 7.70
CA LEU A 316 5.45 11.29 8.66
C LEU A 316 5.25 11.76 10.09
N SER A 317 5.28 13.07 10.34
CA SER A 317 5.11 13.60 11.69
C SER A 317 3.65 14.02 11.90
N GLY A 318 3.38 14.58 13.07
CA GLY A 318 2.03 15.00 13.42
C GLY A 318 1.88 16.50 13.47
N GLY A 319 2.48 17.21 12.52
CA GLY A 319 2.45 18.65 12.48
C GLY A 319 1.30 19.19 11.64
N LYS A 320 1.41 20.48 11.31
CA LYS A 320 0.40 21.16 10.51
C LYS A 320 0.52 20.90 9.02
N ARG A 321 1.64 20.33 8.56
CA ARG A 321 1.89 20.12 7.15
C ARG A 321 2.12 18.64 6.84
N ARG A 322 1.32 17.77 7.45
CA ARG A 322 1.39 16.36 7.14
C ARG A 322 0.59 16.03 5.88
N LEU A 323 0.97 14.94 5.22
CA LEU A 323 0.40 14.59 3.93
C LEU A 323 -1.12 14.58 3.93
N CYS A 324 -1.73 14.03 4.99
CA CYS A 324 -3.19 14.00 5.06
C CYS A 324 -3.81 15.39 5.11
N LYS A 325 -3.02 16.44 5.35
CA LYS A 325 -3.52 17.80 5.38
C LYS A 325 -3.26 18.58 4.10
N VAL A 326 -2.36 18.11 3.24
CA VAL A 326 -1.94 18.89 2.08
C VAL A 326 -1.99 18.07 0.79
N ALA A 327 -2.09 16.75 0.93
CA ALA A 327 -1.96 15.86 -0.22
C ALA A 327 -2.94 16.25 -1.32
N ASN A 328 -2.39 16.54 -2.51
CA ASN A 328 -3.19 16.91 -3.68
C ASN A 328 -2.65 16.18 -4.91
N PRO A 329 -3.31 16.29 -6.06
CA PRO A 329 -2.81 15.60 -7.25
C PRO A 329 -1.44 16.07 -7.69
N SER A 330 -1.07 17.31 -7.39
CA SER A 330 0.23 17.84 -7.79
C SER A 330 1.36 17.38 -6.87
N SER A 331 1.05 16.67 -5.79
CA SER A 331 2.08 16.16 -4.89
C SER A 331 2.95 15.09 -5.52
N HIS A 332 2.72 14.73 -6.78
CA HIS A 332 3.50 13.72 -7.46
C HIS A 332 4.80 14.26 -8.04
N LEU A 333 4.98 15.58 -8.07
CA LEU A 333 6.21 16.16 -8.60
C LEU A 333 7.40 16.02 -7.66
N SER A 334 7.14 15.76 -6.37
CA SER A 334 8.22 15.59 -5.40
C SER A 334 8.70 14.15 -5.31
N VAL A 335 8.16 13.25 -6.13
CA VAL A 335 8.56 11.86 -6.13
C VAL A 335 9.22 11.47 -7.45
N VAL A 336 8.75 12.03 -8.57
CA VAL A 336 9.25 11.65 -9.88
C VAL A 336 10.73 11.96 -10.04
N GLY A 337 11.25 12.92 -9.28
CA GLY A 337 12.65 13.30 -9.41
C GLY A 337 13.62 12.27 -8.86
N ASN A 338 13.15 11.30 -8.08
CA ASN A 338 14.03 10.24 -7.61
C ASN A 338 14.39 9.27 -8.73
N PHE A 339 13.43 8.98 -9.61
CA PHE A 339 13.67 8.06 -10.72
C PHE A 339 14.47 8.71 -11.84
N VAL A 340 14.28 10.01 -12.06
CA VAL A 340 15.03 10.71 -13.10
C VAL A 340 16.51 10.81 -12.71
N GLY A 341 16.79 11.00 -11.42
CA GLY A 341 18.16 11.04 -10.96
C GLY A 341 18.84 9.69 -10.94
N ALA A 342 18.07 8.60 -10.87
CA ALA A 342 18.67 7.27 -10.95
C ALA A 342 19.27 7.01 -12.32
N ILE A 343 18.61 7.49 -13.38
CA ILE A 343 19.16 7.34 -14.72
C ILE A 343 20.48 8.09 -14.85
N LEU A 344 20.53 9.31 -14.32
CA LEU A 344 21.75 10.10 -14.42
C LEU A 344 22.90 9.45 -13.64
N ALA A 345 22.60 8.82 -12.51
CA ALA A 345 23.65 8.15 -11.74
C ALA A 345 24.28 7.01 -12.52
N SER A 346 23.45 6.23 -13.23
CA SER A 346 23.98 5.13 -14.03
C SER A 346 24.90 5.64 -15.13
N LYS A 347 24.52 6.75 -15.77
CA LYS A 347 25.30 7.29 -16.88
C LYS A 347 26.65 7.85 -16.44
N VAL A 348 26.87 8.01 -15.12
CA VAL A 348 28.16 8.46 -14.61
C VAL A 348 28.96 7.32 -14.01
N GLY A 349 28.45 6.09 -14.02
CA GLY A 349 29.17 4.94 -13.55
C GLY A 349 28.90 4.54 -12.12
N TRP A 350 27.85 5.06 -11.49
CA TRP A 350 27.53 4.77 -10.09
C TRP A 350 26.20 4.02 -10.07
N ASP A 351 26.27 2.70 -10.23
CA ASP A 351 25.06 1.88 -10.28
C ASP A 351 24.46 1.66 -8.90
N GLU A 352 25.29 1.57 -7.86
CA GLU A 352 24.77 1.35 -6.51
C GLU A 352 24.01 2.57 -6.01
N VAL A 353 24.47 3.77 -6.37
CA VAL A 353 23.76 4.98 -5.99
C VAL A 353 22.39 5.03 -6.68
N ALA A 354 22.32 4.58 -7.92
CA ALA A 354 21.04 4.56 -8.64
C ALA A 354 20.05 3.63 -7.96
N LYS A 355 20.53 2.47 -7.47
CA LYS A 355 19.64 1.53 -6.80
C LYS A 355 19.07 2.13 -5.51
N PHE A 356 19.88 2.90 -4.78
CA PHE A 356 19.40 3.53 -3.56
C PHE A 356 18.31 4.56 -3.86
N LEU A 357 18.47 5.34 -4.93
CA LEU A 357 17.47 6.34 -5.27
C LEU A 357 16.18 5.72 -5.79
N TRP A 358 16.27 4.52 -6.38
CA TRP A 358 15.07 3.82 -6.83
C TRP A 358 14.24 3.33 -5.65
N ALA A 359 14.88 2.83 -4.60
CA ALA A 359 14.15 2.34 -3.43
C ALA A 359 13.42 3.46 -2.71
N VAL A 360 14.03 4.65 -2.63
CA VAL A 360 13.37 5.75 -1.93
C VAL A 360 12.17 6.28 -2.71
N GLY A 361 12.31 6.41 -4.03
CA GLY A 361 11.18 6.84 -4.84
C GLY A 361 10.03 5.85 -4.82
N PHE A 362 10.34 4.56 -4.71
CA PHE A 362 9.30 3.54 -4.65
C PHE A 362 8.52 3.55 -3.34
N ALA A 363 9.16 3.87 -2.22
CA ALA A 363 8.45 3.90 -0.95
C ALA A 363 7.52 5.09 -0.82
N HIS A 364 7.83 6.22 -1.45
CA HIS A 364 7.00 7.41 -1.33
C HIS A 364 5.91 7.50 -2.41
N TYR A 365 6.00 6.72 -3.48
CA TYR A 365 4.95 6.70 -4.49
C TYR A 365 3.73 5.88 -4.05
N LEU A 366 3.96 4.76 -3.35
CA LEU A 366 2.86 3.97 -2.81
C LEU A 366 2.14 4.70 -1.67
N VAL A 367 2.86 5.46 -0.85
CA VAL A 367 2.19 6.26 0.17
C VAL A 367 1.32 7.33 -0.48
N VAL A 368 1.85 8.01 -1.50
CA VAL A 368 1.09 9.07 -2.16
C VAL A 368 0.00 8.49 -3.07
N PHE A 369 0.18 7.27 -3.58
CA PHE A 369 -0.83 6.67 -4.43
C PHE A 369 -2.01 6.13 -3.64
N VAL A 370 -1.76 5.46 -2.51
CA VAL A 370 -2.84 4.99 -1.66
C VAL A 370 -3.49 6.11 -0.85
N THR A 371 -2.76 7.19 -0.57
CA THR A 371 -3.33 8.27 0.22
C THR A 371 -4.36 9.09 -0.54
N LEU A 372 -4.33 9.05 -1.87
CA LEU A 372 -5.27 9.84 -2.68
C LEU A 372 -6.64 9.19 -2.83
N TYR A 373 -6.85 8.01 -2.24
CA TYR A 373 -8.14 7.35 -2.26
C TYR A 373 -8.90 7.47 -0.94
N GLN A 374 -8.37 8.21 0.02
CA GLN A 374 -8.98 8.33 1.33
C GLN A 374 -9.78 9.63 1.43
N ARG A 375 -10.30 9.89 2.62
CA ARG A 375 -11.09 11.09 2.89
C ARG A 375 -10.17 12.21 3.36
N LEU A 376 -10.12 13.30 2.60
CA LEU A 376 -9.19 14.38 2.87
C LEU A 376 -9.92 15.72 2.96
N PRO A 377 -9.22 16.80 3.29
CA PRO A 377 -9.85 18.14 3.27
C PRO A 377 -10.70 18.37 2.04
N THR A 378 -11.89 18.95 2.25
CA THR A 378 -12.81 19.21 1.15
C THR A 378 -12.44 20.49 0.43
N SER A 379 -12.30 20.42 -0.88
CA SER A 379 -11.92 21.56 -1.71
C SER A 379 -12.10 21.15 -3.17
N GLU A 380 -11.69 22.03 -4.08
CA GLU A 380 -11.83 21.80 -5.50
C GLU A 380 -10.57 21.23 -6.14
N ALA A 381 -9.56 20.87 -5.33
CA ALA A 381 -8.34 20.29 -5.86
C ALA A 381 -8.55 18.91 -6.45
N LEU A 382 -9.70 18.28 -6.20
CA LEU A 382 -10.04 16.97 -6.78
C LEU A 382 -11.30 17.14 -7.62
N PRO A 383 -11.16 17.35 -8.93
CA PRO A 383 -12.35 17.54 -9.77
C PRO A 383 -13.30 16.36 -9.68
N LYS A 384 -14.60 16.66 -9.71
CA LYS A 384 -15.62 15.62 -9.62
C LYS A 384 -15.62 14.71 -10.84
N GLU A 385 -14.98 15.13 -11.93
CA GLU A 385 -14.90 14.35 -13.15
C GLU A 385 -13.44 14.25 -13.59
N LEU A 386 -13.19 13.39 -14.57
CA LEU A 386 -11.84 13.23 -15.10
C LEU A 386 -11.41 14.52 -15.79
N HIS A 387 -10.28 15.08 -15.36
CA HIS A 387 -9.81 16.36 -15.83
C HIS A 387 -8.31 16.27 -16.04
N PRO A 388 -7.75 17.06 -16.97
CA PRO A 388 -6.35 16.88 -17.37
C PRO A 388 -5.35 16.83 -16.23
N VAL A 389 -5.73 17.29 -15.04
CA VAL A 389 -4.82 17.31 -13.90
C VAL A 389 -4.45 15.90 -13.45
N TYR A 390 -5.26 14.90 -13.78
CA TYR A 390 -4.99 13.53 -13.36
C TYR A 390 -3.85 12.89 -14.15
N SER A 391 -3.34 13.55 -15.19
CA SER A 391 -2.21 13.04 -15.94
C SER A 391 -0.93 12.97 -15.11
N MET A 392 -0.90 13.65 -13.96
CA MET A 392 0.28 13.60 -13.09
C MET A 392 0.48 12.24 -12.45
N PHE A 393 -0.49 11.33 -12.55
CA PHE A 393 -0.36 10.00 -11.98
C PHE A 393 0.39 9.03 -12.89
N ILE A 394 0.80 9.47 -14.07
CA ILE A 394 1.47 8.59 -15.02
C ILE A 394 2.99 8.78 -15.03
N ALA A 395 3.50 9.93 -14.59
CA ALA A 395 4.92 10.22 -14.73
C ALA A 395 5.77 9.23 -13.94
N ALA A 396 5.39 8.96 -12.69
CA ALA A 396 6.21 8.10 -11.84
C ALA A 396 6.33 6.69 -12.39
N PRO A 397 5.25 5.98 -12.72
CA PRO A 397 5.41 4.61 -13.22
C PRO A 397 6.23 4.52 -14.50
N SER A 398 6.09 5.49 -15.40
CA SER A 398 6.83 5.46 -16.65
C SER A 398 8.33 5.63 -16.43
N ALA A 399 8.71 6.55 -15.54
CA ALA A 399 10.13 6.77 -15.27
C ALA A 399 10.76 5.60 -14.51
N ALA A 400 9.99 4.94 -13.64
CA ALA A 400 10.53 3.79 -12.93
C ALA A 400 10.87 2.65 -13.88
N SER A 401 10.02 2.41 -14.88
CA SER A 401 10.31 1.37 -15.86
C SER A 401 11.55 1.71 -16.68
N ILE A 402 11.68 2.97 -17.10
CA ILE A 402 12.86 3.37 -17.87
C ILE A 402 14.12 3.28 -17.01
N ALA A 403 14.01 3.65 -15.72
CA ALA A 403 15.18 3.64 -14.86
C ALA A 403 15.59 2.23 -14.48
N TRP A 404 14.63 1.31 -14.38
CA TRP A 404 14.96 -0.08 -14.06
C TRP A 404 15.68 -0.78 -15.20
N ASN A 405 15.30 -0.48 -16.44
CA ASN A 405 15.95 -1.12 -17.59
C ASN A 405 17.38 -0.65 -17.77
N THR A 406 17.72 0.54 -17.27
CA THR A 406 19.07 1.05 -17.41
C THR A 406 20.01 0.50 -16.34
N ILE A 407 19.47 0.09 -15.18
CA ILE A 407 20.32 -0.45 -14.13
C ILE A 407 20.64 -1.92 -14.36
N TYR A 408 19.74 -2.67 -15.01
CA TYR A 408 19.91 -4.11 -15.15
C TYR A 408 20.10 -4.58 -16.58
N GLY A 409 19.90 -3.70 -17.57
CA GLY A 409 20.15 -4.06 -18.95
C GLY A 409 19.02 -4.72 -19.70
N GLN A 410 17.93 -5.11 -19.04
CA GLN A 410 16.87 -5.83 -19.72
C GLN A 410 15.50 -5.41 -19.20
N PHE A 411 14.51 -5.48 -20.10
CA PHE A 411 13.13 -5.17 -19.79
C PHE A 411 12.48 -6.45 -19.28
N ASP A 412 12.47 -6.61 -17.96
CA ASP A 412 12.06 -7.84 -17.30
C ASP A 412 10.66 -7.67 -16.71
N GLY A 413 10.32 -8.51 -15.74
CA GLY A 413 9.00 -8.51 -15.14
C GLY A 413 8.71 -7.33 -14.24
N CYS A 414 9.75 -6.55 -13.89
CA CYS A 414 9.54 -5.35 -13.09
C CYS A 414 9.25 -4.14 -13.96
N SER A 415 10.01 -3.96 -15.05
CA SER A 415 9.76 -2.85 -15.95
C SER A 415 8.43 -3.01 -16.68
N ARG A 416 8.07 -4.25 -17.01
CA ARG A 416 6.80 -4.50 -17.68
C ARG A 416 5.60 -4.23 -16.79
N THR A 417 5.73 -4.45 -15.48
CA THR A 417 4.63 -4.11 -14.57
C THR A 417 4.50 -2.59 -14.42
N CYS A 418 5.62 -1.89 -14.23
CA CYS A 418 5.58 -0.44 -14.16
C CYS A 418 5.02 0.15 -15.45
N PHE A 419 5.52 -0.30 -16.60
CA PHE A 419 5.03 0.19 -17.87
C PHE A 419 3.56 -0.13 -18.09
N PHE A 420 3.10 -1.30 -17.64
CA PHE A 420 1.72 -1.68 -17.88
C PHE A 420 0.72 -1.01 -16.93
N ILE A 421 1.20 -0.48 -15.80
CA ILE A 421 0.31 0.30 -14.93
C ILE A 421 0.10 1.70 -15.49
N ALA A 422 1.17 2.33 -16.00
CA ALA A 422 1.05 3.67 -16.56
C ALA A 422 0.24 3.66 -17.86
N LEU A 423 0.26 2.55 -18.60
CA LEU A 423 -0.47 2.48 -19.85
C LEU A 423 -1.98 2.37 -19.62
N PHE A 424 -2.40 1.69 -18.55
CA PHE A 424 -3.81 1.62 -18.23
C PHE A 424 -4.37 3.01 -17.91
N LEU A 425 -3.62 3.80 -17.12
CA LEU A 425 -4.07 5.14 -16.79
C LEU A 425 -4.12 6.04 -18.03
N TYR A 426 -3.22 5.82 -18.99
CA TYR A 426 -3.23 6.63 -20.20
C TYR A 426 -4.52 6.44 -20.99
N ILE A 427 -5.00 5.20 -21.09
CA ILE A 427 -6.22 4.95 -21.83
C ILE A 427 -7.43 5.57 -21.15
N SER A 428 -7.52 5.44 -19.82
CA SER A 428 -8.67 5.95 -19.10
C SER A 428 -8.82 7.47 -19.26
N LEU A 429 -7.70 8.18 -19.35
CA LEU A 429 -7.73 9.64 -19.42
C LEU A 429 -7.77 10.18 -20.83
N VAL A 430 -7.30 9.42 -21.82
CA VAL A 430 -7.18 9.93 -23.19
C VAL A 430 -8.14 9.26 -24.16
N ALA A 431 -8.73 8.11 -23.80
CA ALA A 431 -9.58 7.37 -24.71
C ALA A 431 -11.04 7.85 -24.67
N ARG A 432 -11.29 9.06 -24.19
CA ARG A 432 -12.61 9.65 -24.19
C ARG A 432 -12.70 10.74 -25.25
N ILE A 433 -13.92 11.21 -25.49
CA ILE A 433 -14.17 12.23 -26.50
C ILE A 433 -14.21 13.65 -25.92
N ASN A 434 -14.50 13.78 -24.62
CA ASN A 434 -14.49 15.10 -23.98
C ASN A 434 -13.08 15.60 -23.70
N PHE A 435 -12.08 14.73 -23.75
CA PHE A 435 -10.70 15.17 -23.56
C PHE A 435 -10.28 16.14 -24.65
N PHE A 436 -10.84 16.02 -25.86
CA PHE A 436 -10.52 16.89 -26.98
C PHE A 436 -11.54 18.00 -27.18
N THR A 437 -12.83 17.69 -27.08
CA THR A 437 -13.85 18.72 -27.28
C THR A 437 -13.73 19.84 -26.26
N GLY A 438 -13.48 19.49 -25.00
CA GLY A 438 -13.32 20.48 -23.96
C GLY A 438 -11.87 20.79 -23.67
N PHE A 439 -11.37 21.89 -24.23
CA PHE A 439 -9.97 22.28 -24.06
C PHE A 439 -9.91 23.80 -23.96
N LYS A 440 -9.38 24.29 -22.83
CA LYS A 440 -9.20 25.72 -22.60
C LYS A 440 -7.73 26.00 -22.28
N PHE A 441 -7.23 27.11 -22.82
CA PHE A 441 -5.81 27.42 -22.66
C PHE A 441 -5.52 27.81 -21.22
N SER A 442 -4.38 27.34 -20.72
CA SER A 442 -3.90 27.72 -19.38
C SER A 442 -2.40 27.51 -19.35
N VAL A 443 -1.75 28.20 -18.40
CA VAL A 443 -0.32 28.02 -18.23
C VAL A 443 -0.01 26.69 -17.56
N ALA A 444 -0.99 26.10 -16.86
CA ALA A 444 -0.80 24.80 -16.26
C ALA A 444 -0.86 23.67 -17.29
N TRP A 445 -1.43 23.93 -18.47
CA TRP A 445 -1.44 22.91 -19.52
C TRP A 445 -0.03 22.47 -19.88
N TRP A 446 0.95 23.37 -19.74
CA TRP A 446 2.34 23.02 -20.02
C TRP A 446 2.87 21.96 -19.05
N SER A 447 2.22 21.79 -17.90
CA SER A 447 2.62 20.81 -16.91
C SER A 447 1.84 19.50 -17.02
N TYR A 448 0.87 19.40 -17.93
CA TYR A 448 0.12 18.17 -18.09
C TYR A 448 0.60 17.37 -19.29
N THR A 449 1.55 17.89 -20.05
CA THR A 449 2.03 17.27 -21.27
C THR A 449 3.31 16.49 -21.05
N PHE A 450 4.13 16.91 -20.08
CA PHE A 450 5.37 16.21 -19.78
C PHE A 450 5.14 14.78 -19.29
N PRO A 451 4.07 14.47 -18.56
CA PRO A 451 3.83 13.07 -18.19
C PRO A 451 3.40 12.21 -19.35
N MET A 452 2.94 12.81 -20.45
CA MET A 452 2.55 12.09 -21.65
C MET A 452 3.73 11.85 -22.59
N THR A 453 4.66 12.80 -22.65
CA THR A 453 5.89 12.60 -23.42
C THR A 453 6.83 11.60 -22.75
N THR A 454 6.67 11.35 -21.45
CA THR A 454 7.51 10.35 -20.79
C THR A 454 6.97 8.94 -21.01
N ALA A 455 5.64 8.78 -20.99
CA ALA A 455 5.06 7.48 -21.33
C ALA A 455 5.41 7.05 -22.74
N SER A 456 5.69 8.01 -23.63
CA SER A 456 6.11 7.67 -24.99
C SER A 456 7.55 7.19 -25.05
N VAL A 457 8.40 7.66 -24.15
CA VAL A 457 9.78 7.19 -24.12
C VAL A 457 9.86 5.76 -23.63
N ALA A 458 8.99 5.37 -22.69
CA ALA A 458 8.97 4.00 -22.22
C ALA A 458 8.36 3.03 -23.22
N THR A 459 7.53 3.53 -24.14
CA THR A 459 6.97 2.68 -25.18
C THR A 459 7.98 2.33 -26.27
N ILE A 460 9.01 3.16 -26.45
CA ILE A 460 10.06 2.83 -27.41
C ILE A 460 11.05 1.84 -26.83
N LYS A 461 11.27 1.89 -25.51
CA LYS A 461 12.12 0.89 -24.87
C LYS A 461 11.44 -0.48 -24.87
N TYR A 462 10.12 -0.51 -24.69
CA TYR A 462 9.40 -1.77 -24.71
C TYR A 462 9.39 -2.40 -26.09
N ALA A 463 9.34 -1.57 -27.15
CA ALA A 463 9.34 -2.09 -28.50
C ALA A 463 10.67 -2.75 -28.88
N GLU A 464 11.75 -2.40 -28.19
CA GLU A 464 13.03 -3.04 -28.45
C GLU A 464 13.09 -4.44 -27.85
N ALA A 465 12.50 -4.62 -26.66
CA ALA A 465 12.51 -5.94 -26.02
C ALA A 465 11.54 -6.91 -26.68
N VAL A 466 10.51 -6.40 -27.36
CA VAL A 466 9.51 -7.23 -28.00
C VAL A 466 9.35 -6.78 -29.45
N PRO A 467 10.25 -7.16 -30.35
CA PRO A 467 10.18 -6.68 -31.72
C PRO A 467 8.96 -7.25 -32.46
N GLY A 468 8.36 -6.41 -33.28
CA GLY A 468 7.18 -6.80 -34.03
C GLY A 468 6.40 -5.59 -34.47
N TYR A 469 5.29 -5.88 -35.16
CA TYR A 469 4.43 -4.84 -35.71
C TYR A 469 3.43 -4.34 -34.67
N PRO A 470 2.92 -5.22 -33.80
CA PRO A 470 2.06 -4.73 -32.71
C PRO A 470 2.73 -3.70 -31.80
N SER A 471 4.05 -3.81 -31.61
CA SER A 471 4.74 -2.86 -30.76
C SER A 471 5.20 -1.62 -31.51
N ARG A 472 5.49 -1.73 -32.81
CA ARG A 472 5.88 -0.56 -33.59
C ARG A 472 4.72 0.43 -33.70
N ALA A 473 3.51 -0.06 -33.93
CA ALA A 473 2.35 0.82 -34.04
C ALA A 473 2.04 1.51 -32.72
N LEU A 474 2.17 0.79 -31.60
CA LEU A 474 1.89 1.38 -30.31
C LEU A 474 2.84 2.53 -30.00
N ALA A 475 4.13 2.36 -30.30
CA ALA A 475 5.10 3.41 -30.03
C ALA A 475 4.83 4.65 -30.89
N LEU A 476 4.49 4.45 -32.17
CA LEU A 476 4.26 5.59 -33.05
C LEU A 476 2.98 6.33 -32.66
N THR A 477 1.95 5.60 -32.22
CA THR A 477 0.68 6.24 -31.91
C THR A 477 0.80 7.17 -30.71
N LEU A 478 1.48 6.73 -29.65
CA LEU A 478 1.63 7.57 -28.46
C LEU A 478 2.54 8.76 -28.75
N SER A 479 3.60 8.56 -29.53
CA SER A 479 4.52 9.64 -29.84
C SER A 479 3.83 10.75 -30.63
N PHE A 480 2.98 10.37 -31.59
CA PHE A 480 2.30 11.37 -32.41
C PHE A 480 1.37 12.24 -31.56
N ILE A 481 0.63 11.63 -30.64
CA ILE A 481 -0.32 12.38 -29.84
C ILE A 481 0.40 13.38 -28.95
N SER A 482 1.50 12.98 -28.32
CA SER A 482 2.23 13.88 -27.43
C SER A 482 2.78 15.07 -28.19
N THR A 483 3.35 14.84 -29.38
CA THR A 483 3.92 15.94 -30.16
C THR A 483 2.83 16.91 -30.61
N ALA A 484 1.67 16.39 -31.00
CA ALA A 484 0.59 17.27 -31.45
C ALA A 484 0.08 18.14 -30.31
N MET A 485 -0.05 17.58 -29.12
CA MET A 485 -0.51 18.36 -27.97
C MET A 485 0.43 19.52 -27.66
N VAL A 486 1.72 19.35 -27.93
CA VAL A 486 2.68 20.41 -27.62
C VAL A 486 2.69 21.48 -28.71
N CYS A 487 2.33 21.12 -29.95
CA CYS A 487 2.28 22.11 -31.02
C CYS A 487 1.13 23.07 -30.82
N VAL A 488 -0.01 22.58 -30.34
CA VAL A 488 -1.16 23.45 -30.09
C VAL A 488 -0.83 24.48 -29.02
N LEU A 489 -0.20 24.03 -27.93
CA LEU A 489 0.15 24.94 -26.85
C LEU A 489 1.17 25.99 -27.31
N PHE A 490 2.03 25.64 -28.26
CA PHE A 490 3.04 26.57 -28.72
C PHE A 490 2.41 27.74 -29.47
N VAL A 491 1.46 27.45 -30.36
CA VAL A 491 0.84 28.52 -31.14
C VAL A 491 -0.05 29.39 -30.26
N SER A 492 -0.86 28.76 -29.41
CA SER A 492 -1.79 29.52 -28.57
C SER A 492 -1.05 30.39 -27.56
N THR A 493 0.13 29.98 -27.12
CA THR A 493 0.88 30.77 -26.16
C THR A 493 1.38 32.08 -26.79
N LEU A 494 1.78 32.03 -28.06
CA LEU A 494 2.26 33.24 -28.73
C LEU A 494 1.12 34.17 -29.09
N LEU A 495 -0.04 33.62 -29.46
CA LEU A 495 -1.18 34.47 -29.80
C LEU A 495 -1.63 35.31 -28.61
N HIS A 496 -1.68 34.70 -27.42
CA HIS A 496 -2.08 35.44 -26.23
C HIS A 496 -1.08 36.54 -25.89
N ALA A 497 0.21 36.26 -26.08
CA ALA A 497 1.24 37.20 -25.65
C ALA A 497 1.29 38.43 -26.56
N PHE A 498 1.23 38.24 -27.87
CA PHE A 498 1.44 39.32 -28.81
C PHE A 498 0.21 39.63 -29.67
N VAL A 499 -0.91 38.98 -29.41
CA VAL A 499 -2.14 39.27 -30.15
C VAL A 499 -3.32 39.61 -29.25
N TRP A 500 -3.33 39.18 -27.99
CA TRP A 500 -4.42 39.50 -27.07
C TRP A 500 -3.95 40.12 -25.75
N GLN A 501 -2.69 39.97 -25.38
CA GLN A 501 -2.13 40.63 -24.20
C GLN A 501 -2.94 40.28 -22.95
N THR A 502 -3.06 38.98 -22.69
CA THR A 502 -3.79 38.49 -21.52
C THR A 502 -3.06 37.32 -20.87
N LEU A 503 -1.73 37.31 -20.93
CA LEU A 503 -0.95 36.18 -20.44
C LEU A 503 -0.42 36.37 -19.02
N PHE A 504 -0.37 37.60 -18.52
CA PHE A 504 0.13 37.89 -17.18
C PHE A 504 -0.86 38.76 -16.42
N PRO A 505 -1.99 38.17 -16.02
CA PRO A 505 -2.94 38.91 -15.18
C PRO A 505 -2.46 39.01 -13.74
N ASN A 506 -3.19 39.79 -12.96
CA ASN A 506 -2.88 39.92 -11.54
C ASN A 506 -3.08 38.60 -10.81
N ASP A 507 -2.20 38.31 -9.86
CA ASP A 507 -2.23 37.06 -9.10
C ASP A 507 -2.87 37.36 -7.75
N LEU A 508 -4.20 37.25 -7.69
CA LEU A 508 -4.95 37.58 -6.48
C LEU A 508 -4.91 36.46 -5.44
N ALA A 509 -4.47 35.25 -5.81
CA ALA A 509 -4.48 34.13 -4.88
C ALA A 509 -3.44 34.28 -3.77
N ILE A 510 -2.52 35.24 -3.89
CA ILE A 510 -1.47 35.43 -2.89
C ILE A 510 -1.76 36.60 -1.98
N ALA A 511 -2.92 37.23 -2.10
CA ALA A 511 -3.29 38.39 -1.30
C ALA A 511 -4.43 38.11 -0.35
N ILE A 512 -4.74 36.84 -0.09
CA ILE A 512 -5.84 36.49 0.79
C ILE A 512 -5.49 36.86 2.23
N THR A 513 -6.52 37.23 3.00
CA THR A 513 -6.31 37.53 4.41
C THR A 513 -6.05 36.26 5.21
N LYS A 514 -5.35 36.43 6.33
CA LYS A 514 -4.91 35.31 7.14
C LYS A 514 -5.91 34.92 8.22
N ARG A 515 -6.95 35.71 8.44
CA ARG A 515 -7.85 35.46 9.57
C ARG A 515 -9.30 35.34 9.14
N LYS A 516 -9.68 36.01 8.06
CA LYS A 516 -11.08 36.05 7.63
C LYS A 516 -11.93 36.84 8.61
N ASP B 105 -7.45 -0.61 50.41
CA ASP B 105 -6.91 0.53 49.68
C ASP B 105 -6.26 0.05 48.38
N PHE B 106 -5.70 -1.17 48.41
CA PHE B 106 -5.06 -1.77 47.25
C PHE B 106 -5.72 -3.08 46.85
N ASP B 107 -6.92 -3.34 47.34
CA ASP B 107 -7.58 -4.63 47.14
C ASP B 107 -8.29 -4.74 45.79
N MET B 108 -8.49 -3.63 45.08
CA MET B 108 -9.17 -3.70 43.79
C MET B 108 -8.27 -4.29 42.72
N PHE B 109 -6.95 -4.10 42.84
CA PHE B 109 -6.00 -4.62 41.87
C PHE B 109 -5.50 -6.02 42.21
N ARG B 110 -5.89 -6.56 43.36
CA ARG B 110 -5.46 -7.89 43.75
C ARG B 110 -6.18 -8.96 42.92
N THR B 111 -5.59 -10.15 42.91
CA THR B 111 -6.19 -11.27 42.20
C THR B 111 -7.48 -11.71 42.88
N LYS B 112 -8.48 -12.03 42.07
CA LYS B 112 -9.78 -12.48 42.60
C LYS B 112 -9.78 -13.99 42.82
N ASN B 148 -13.35 -2.02 37.60
CA ASN B 148 -12.10 -2.20 36.86
C ASN B 148 -12.34 -2.91 35.54
N GLU B 149 -13.54 -2.75 34.99
CA GLU B 149 -13.88 -3.40 33.74
C GLU B 149 -13.00 -2.87 32.61
N ASN B 150 -12.96 -3.63 31.51
CA ASN B 150 -12.14 -3.25 30.37
C ASN B 150 -12.56 -1.88 29.85
N VAL B 151 -11.66 -0.91 29.96
CA VAL B 151 -11.91 0.45 29.48
C VAL B 151 -11.54 0.53 28.00
N ASP B 152 -12.36 1.24 27.23
CA ASP B 152 -12.12 1.37 25.81
C ASP B 152 -10.85 2.18 25.54
N ALA B 153 -10.23 1.91 24.40
CA ALA B 153 -8.99 2.59 24.04
C ALA B 153 -9.20 4.10 23.96
N GLY B 154 -10.42 4.54 23.69
CA GLY B 154 -10.69 5.98 23.66
C GLY B 154 -10.43 6.65 24.99
N ARG B 155 -10.81 5.99 26.08
CA ARG B 155 -10.57 6.55 27.41
C ARG B 155 -9.08 6.69 27.69
N TYR B 156 -8.28 5.72 27.24
CA TYR B 156 -6.83 5.81 27.43
C TYR B 156 -6.26 7.03 26.73
N PHE B 157 -6.71 7.30 25.50
CA PHE B 157 -6.19 8.44 24.74
C PHE B 157 -6.69 9.77 25.29
N ALA B 158 -7.83 9.79 25.97
CA ALA B 158 -8.42 11.02 26.47
C ALA B 158 -7.88 11.43 27.83
N ALA B 159 -7.43 10.46 28.64
CA ALA B 159 -6.96 10.74 29.99
C ALA B 159 -5.43 10.70 30.11
N LEU B 160 -4.73 10.24 29.09
CA LEU B 160 -3.28 10.09 29.14
C LEU B 160 -2.63 11.00 28.11
N ARG B 161 -1.41 11.43 28.41
CA ARG B 161 -0.67 12.33 27.55
C ARG B 161 0.79 11.90 27.48
N GLY B 162 1.46 12.28 26.41
CA GLY B 162 2.85 11.97 26.21
C GLY B 162 3.10 11.06 25.02
N PRO B 163 4.36 10.93 24.60
CA PRO B 163 4.68 10.07 23.46
C PRO B 163 4.43 8.59 23.73
N GLU B 164 4.22 8.20 24.98
CA GLU B 164 4.05 6.80 25.35
C GLU B 164 2.79 6.57 26.17
N LEU B 165 2.03 7.62 26.51
CA LEU B 165 0.80 7.49 27.27
C LEU B 165 1.08 6.96 28.67
N ASP B 166 1.97 7.67 29.39
CA ASP B 166 2.43 7.24 30.69
C ASP B 166 2.28 8.32 31.75
N GLU B 167 1.53 9.39 31.45
CA GLU B 167 1.31 10.48 32.39
C GLU B 167 -0.16 10.86 32.40
N VAL B 168 -0.68 11.15 33.59
CA VAL B 168 -2.08 11.55 33.72
C VAL B 168 -2.21 13.04 33.46
N LYS B 169 -3.30 13.43 32.79
CA LYS B 169 -3.55 14.84 32.56
C LYS B 169 -3.85 15.55 33.88
N ASP B 170 -3.99 16.87 33.79
CA ASP B 170 -4.11 17.70 34.99
C ASP B 170 -5.54 17.82 35.51
N ASN B 171 -6.54 17.37 34.75
CA ASN B 171 -7.92 17.39 35.20
C ASN B 171 -8.46 16.01 35.53
N GLU B 172 -7.59 15.00 35.62
CA GLU B 172 -8.02 13.62 35.82
C GLU B 172 -7.76 13.18 37.24
N ASP B 173 -8.67 12.35 37.78
CA ASP B 173 -8.55 11.81 39.12
C ASP B 173 -8.21 10.33 39.04
N ILE B 174 -7.36 9.87 39.94
CA ILE B 174 -6.91 8.49 39.95
C ILE B 174 -7.62 7.73 41.07
N LEU B 175 -7.50 6.41 41.05
CA LEU B 175 -8.18 5.55 42.01
C LEU B 175 -7.27 5.10 43.15
N LEU B 176 -6.03 5.56 43.19
CA LEU B 176 -5.07 5.15 44.19
C LEU B 176 -4.36 6.36 44.77
N PRO B 177 -3.77 6.23 45.96
CA PRO B 177 -3.04 7.36 46.54
C PRO B 177 -1.92 7.82 45.64
N LYS B 178 -1.69 9.13 45.62
CA LYS B 178 -0.70 9.74 44.74
C LYS B 178 0.61 10.08 45.44
N GLU B 179 0.68 9.96 46.77
CA GLU B 179 1.87 10.33 47.52
C GLU B 179 2.50 9.14 48.22
N GLU B 180 1.72 8.36 48.97
CA GLU B 180 2.27 7.23 49.70
C GLU B 180 2.83 6.19 48.73
N GLN B 181 3.99 5.64 49.08
CA GLN B 181 4.64 4.66 48.22
C GLN B 181 3.77 3.42 48.05
N TRP B 182 3.76 2.90 46.83
CA TRP B 182 2.97 1.73 46.49
C TRP B 182 3.76 0.45 46.76
N PRO B 183 3.09 -0.70 46.72
CA PRO B 183 3.82 -1.97 46.77
C PRO B 183 4.76 -2.10 45.57
N PHE B 184 5.88 -2.79 45.78
CA PHE B 184 6.90 -2.87 44.75
C PHE B 184 6.35 -3.52 43.48
N LEU B 185 5.59 -4.60 43.63
CA LEU B 185 5.11 -5.34 42.46
C LEU B 185 4.06 -4.56 41.67
N LEU B 186 3.56 -3.44 42.19
CA LEU B 186 2.60 -2.61 41.50
C LEU B 186 3.25 -1.46 40.73
N ARG B 187 4.55 -1.24 40.90
CA ARG B 187 5.26 -0.19 40.19
C ARG B 187 6.38 -0.77 39.32
N PHE B 188 6.20 -2.01 38.87
CA PHE B 188 7.15 -2.64 37.96
C PHE B 188 6.46 -2.86 36.62
N PRO B 189 6.71 -2.02 35.62
CA PRO B 189 5.96 -2.09 34.36
C PRO B 189 6.42 -3.22 33.46
N ILE B 190 5.60 -3.49 32.44
CA ILE B 190 5.93 -4.46 31.41
C ILE B 190 7.02 -3.98 30.47
N GLY B 191 7.42 -2.71 30.57
CA GLY B 191 8.46 -2.15 29.74
C GLY B 191 9.87 -2.34 30.23
N CYS B 192 10.07 -3.17 31.25
CA CYS B 192 11.43 -3.55 31.67
C CYS B 192 11.99 -4.68 30.84
N PHE B 193 11.18 -5.29 29.97
CA PHE B 193 11.65 -6.26 28.99
C PHE B 193 12.38 -5.61 27.82
N GLY B 194 12.35 -4.29 27.70
CA GLY B 194 13.11 -3.61 26.67
C GLY B 194 14.60 -3.57 26.92
N ILE B 195 15.02 -3.70 28.19
CA ILE B 195 16.44 -3.82 28.49
C ILE B 195 16.99 -5.11 27.90
N CYS B 196 16.21 -6.19 27.96
CA CYS B 196 16.63 -7.46 27.37
C CYS B 196 16.78 -7.34 25.86
N LEU B 197 15.87 -6.60 25.21
CA LEU B 197 15.96 -6.42 23.77
C LEU B 197 17.21 -5.64 23.38
N GLY B 198 17.65 -4.71 24.24
CA GLY B 198 18.85 -3.94 23.95
C GLY B 198 20.14 -4.69 24.15
N LEU B 199 20.14 -5.73 24.98
CA LEU B 199 21.34 -6.51 25.25
C LEU B 199 21.43 -7.78 24.42
N SER B 200 20.29 -8.38 24.04
CA SER B 200 20.33 -9.57 23.20
C SER B 200 20.61 -9.23 21.75
N SER B 201 20.24 -8.02 21.32
CA SER B 201 20.56 -7.58 19.96
C SER B 201 22.01 -7.15 19.81
N GLN B 202 22.69 -6.82 20.91
CA GLN B 202 24.09 -6.46 20.85
C GLN B 202 25.01 -7.69 20.80
N ALA B 203 24.50 -8.87 21.17
CA ALA B 203 25.30 -10.09 21.03
C ALA B 203 25.35 -10.57 19.60
N VAL B 204 24.29 -10.36 18.83
CA VAL B 204 24.31 -10.72 17.41
C VAL B 204 25.32 -9.87 16.65
N LEU B 205 25.39 -8.58 16.98
CA LEU B 205 26.31 -7.69 16.27
C LEU B 205 27.76 -8.10 16.48
N TRP B 206 28.13 -8.43 17.72
CA TRP B 206 29.53 -8.70 18.02
C TRP B 206 29.96 -10.11 17.62
N LEU B 207 29.02 -11.00 17.31
CA LEU B 207 29.39 -12.29 16.73
C LEU B 207 29.72 -12.16 15.24
N ALA B 208 29.03 -11.25 14.54
CA ALA B 208 29.32 -11.02 13.13
C ALA B 208 30.59 -10.20 12.93
N LEU B 209 30.90 -9.31 13.87
CA LEU B 209 32.09 -8.49 13.75
C LEU B 209 33.36 -9.33 13.79
N ALA B 210 33.37 -10.36 14.64
CA ALA B 210 34.55 -11.21 14.80
C ALA B 210 34.59 -12.37 13.82
N LYS B 211 33.53 -12.58 13.04
CA LYS B 211 33.48 -13.70 12.10
C LYS B 211 33.21 -13.30 10.66
N SER B 212 32.73 -12.09 10.41
CA SER B 212 32.44 -11.68 9.04
C SER B 212 33.73 -11.52 8.24
N PRO B 213 33.75 -11.99 6.99
CA PRO B 213 34.96 -11.79 6.16
C PRO B 213 35.27 -10.34 5.89
N ALA B 214 34.26 -9.45 5.90
CA ALA B 214 34.47 -8.05 5.61
C ALA B 214 35.12 -7.29 6.78
N THR B 215 35.17 -7.90 7.96
CA THR B 215 35.72 -7.27 9.15
C THR B 215 36.98 -7.97 9.65
N ASN B 216 37.56 -8.85 8.84
CA ASN B 216 38.70 -9.66 9.27
C ASN B 216 40.00 -8.89 9.29
N PHE B 217 40.03 -7.64 8.82
CA PHE B 217 41.25 -6.85 8.93
C PHE B 217 41.52 -6.47 10.38
N LEU B 218 40.47 -6.15 11.13
CA LEU B 218 40.59 -6.01 12.57
C LEU B 218 40.46 -7.39 13.23
N HIS B 219 41.04 -7.52 14.42
CA HIS B 219 41.10 -8.80 15.11
C HIS B 219 40.39 -8.66 16.45
N ILE B 220 39.09 -8.97 16.47
CA ILE B 220 38.25 -8.85 17.64
C ILE B 220 38.13 -10.22 18.28
N THR B 221 38.34 -10.28 19.60
CA THR B 221 38.28 -11.56 20.28
C THR B 221 36.85 -12.09 20.29
N PRO B 222 36.65 -13.41 20.13
CA PRO B 222 35.31 -13.98 20.24
C PRO B 222 34.74 -13.96 21.65
N LEU B 223 35.50 -13.45 22.63
CA LEU B 223 35.05 -13.46 24.02
C LEU B 223 34.13 -12.31 24.36
N ILE B 224 33.99 -11.32 23.46
CA ILE B 224 33.02 -10.26 23.70
C ILE B 224 31.60 -10.80 23.55
N ASN B 225 31.36 -11.62 22.53
CA ASN B 225 30.04 -12.23 22.37
C ASN B 225 29.70 -13.13 23.54
N LEU B 226 30.70 -13.89 24.04
CA LEU B 226 30.45 -14.79 25.15
C LEU B 226 30.00 -14.03 26.39
N VAL B 227 30.67 -12.92 26.71
CA VAL B 227 30.33 -12.18 27.92
C VAL B 227 28.96 -11.51 27.78
N VAL B 228 28.70 -10.89 26.62
CA VAL B 228 27.43 -10.21 26.42
C VAL B 228 26.29 -11.23 26.37
N TRP B 229 26.54 -12.40 25.76
CA TRP B 229 25.50 -13.41 25.64
C TRP B 229 25.11 -13.98 27.00
N LEU B 230 26.10 -14.16 27.89
CA LEU B 230 25.80 -14.67 29.22
C LEU B 230 25.14 -13.60 30.09
N PHE B 231 25.59 -12.35 29.97
CA PHE B 231 25.01 -11.28 30.77
C PHE B 231 23.56 -11.03 30.40
N SER B 232 23.25 -11.04 29.09
CA SER B 232 21.88 -10.79 28.66
C SER B 232 20.94 -11.91 29.12
N LEU B 233 21.42 -13.14 29.18
CA LEU B 233 20.58 -14.25 29.63
C LEU B 233 20.19 -14.09 31.10
N VAL B 234 21.13 -13.63 31.93
CA VAL B 234 20.84 -13.47 33.35
C VAL B 234 19.76 -12.43 33.56
N VAL B 235 19.83 -11.31 32.84
CA VAL B 235 18.84 -10.25 33.00
C VAL B 235 17.46 -10.75 32.59
N LEU B 236 17.39 -11.54 31.52
CA LEU B 236 16.10 -12.04 31.06
C LEU B 236 15.43 -12.92 32.11
N VAL B 237 16.20 -13.76 32.80
CA VAL B 237 15.62 -14.64 33.81
C VAL B 237 15.11 -13.85 34.99
N SER B 238 15.81 -12.77 35.37
CA SER B 238 15.39 -11.98 36.52
C SER B 238 14.13 -11.20 36.22
N VAL B 239 14.02 -10.64 35.01
CA VAL B 239 12.84 -9.87 34.65
C VAL B 239 11.63 -10.79 34.49
N SER B 240 11.84 -11.97 33.89
CA SER B 240 10.73 -12.89 33.68
C SER B 240 10.18 -13.41 35.00
N PHE B 241 11.05 -13.72 35.96
CA PHE B 241 10.61 -14.26 37.23
C PHE B 241 9.86 -13.24 38.06
N THR B 242 10.20 -11.95 37.92
CA THR B 242 9.53 -10.92 38.70
C THR B 242 8.13 -10.63 38.17
N TYR B 243 7.93 -10.68 36.86
CA TYR B 243 6.62 -10.40 36.30
C TYR B 243 5.65 -11.55 36.55
N ILE B 244 6.14 -12.78 36.61
CA ILE B 244 5.27 -13.91 36.92
C ILE B 244 4.71 -13.79 38.33
N LEU B 245 5.52 -13.26 39.26
CA LEU B 245 5.03 -13.05 40.62
C LEU B 245 3.89 -12.04 40.65
N LYS B 246 3.99 -10.98 39.84
CA LYS B 246 2.93 -9.98 39.81
C LYS B 246 1.62 -10.56 39.32
N CYS B 247 1.67 -11.45 38.32
CA CYS B 247 0.45 -12.07 37.82
C CYS B 247 -0.20 -12.95 38.86
N ILE B 248 0.60 -13.56 39.74
CA ILE B 248 0.04 -14.45 40.77
C ILE B 248 -0.58 -13.68 41.93
N PHE B 249 -0.17 -12.42 42.13
CA PHE B 249 -0.68 -11.62 43.23
C PHE B 249 -1.48 -10.41 42.78
N TYR B 250 -1.16 -9.81 41.64
CA TYR B 250 -1.86 -8.64 41.11
C TYR B 250 -2.22 -8.92 39.65
N PHE B 251 -3.35 -9.60 39.44
CA PHE B 251 -3.80 -9.92 38.10
C PHE B 251 -4.69 -8.84 37.49
N GLU B 252 -5.29 -7.99 38.31
CA GLU B 252 -6.10 -6.90 37.78
C GLU B 252 -5.24 -5.82 37.13
N ALA B 253 -4.03 -5.60 37.66
CA ALA B 253 -3.13 -4.62 37.04
C ALA B 253 -2.53 -5.14 35.75
N VAL B 254 -2.35 -6.46 35.64
CA VAL B 254 -1.81 -7.04 34.41
C VAL B 254 -2.82 -6.90 33.27
N LYS B 255 -4.12 -7.06 33.58
CA LYS B 255 -5.13 -6.89 32.55
C LYS B 255 -5.25 -5.44 32.11
N ARG B 256 -4.95 -4.49 33.00
CA ARG B 256 -4.98 -3.08 32.61
C ARG B 256 -3.90 -2.77 31.58
N GLU B 257 -2.72 -3.39 31.73
CA GLU B 257 -1.65 -3.16 30.76
C GLU B 257 -1.91 -3.86 29.44
N TYR B 258 -2.62 -5.00 29.47
CA TYR B 258 -2.95 -5.70 28.23
C TYR B 258 -3.83 -4.84 27.34
N PHE B 259 -4.76 -4.09 27.93
CA PHE B 259 -5.70 -3.28 27.18
C PHE B 259 -5.19 -1.87 26.91
N HIS B 260 -4.01 -1.53 27.42
CA HIS B 260 -3.41 -0.24 27.10
C HIS B 260 -2.94 -0.25 25.66
N PRO B 261 -3.32 0.74 24.85
CA PRO B 261 -3.02 0.67 23.40
C PRO B 261 -1.54 0.61 23.08
N VAL B 262 -0.67 1.10 23.95
CA VAL B 262 0.76 1.12 23.69
C VAL B 262 1.46 -0.06 24.35
N ARG B 263 1.11 -0.37 25.59
CA ARG B 263 1.78 -1.44 26.33
C ARG B 263 1.42 -2.83 25.83
N VAL B 264 0.40 -2.94 24.97
CA VAL B 264 -0.01 -4.26 24.48
C VAL B 264 1.09 -4.89 23.64
N ASN B 265 1.81 -4.07 22.87
CA ASN B 265 2.83 -4.58 21.97
C ASN B 265 4.05 -5.13 22.71
N PHE B 266 4.18 -4.85 24.01
CA PHE B 266 5.30 -5.36 24.79
C PHE B 266 5.05 -6.76 25.33
N PHE B 267 3.90 -7.36 25.06
CA PHE B 267 3.67 -8.76 25.34
C PHE B 267 4.25 -9.68 24.28
N PHE B 268 4.78 -9.12 23.19
CA PHE B 268 5.43 -9.89 22.15
C PHE B 268 6.94 -9.98 22.35
N ALA B 269 7.51 -9.07 23.13
CA ALA B 269 8.95 -8.91 23.32
C ALA B 269 9.59 -10.05 24.11
N PRO B 270 8.87 -10.74 25.00
CA PRO B 270 9.49 -11.86 25.72
C PRO B 270 9.95 -12.99 24.81
N TRP B 271 9.37 -13.16 23.62
CA TRP B 271 9.77 -14.24 22.73
C TRP B 271 10.77 -13.80 21.67
N VAL B 272 10.84 -12.50 21.36
CA VAL B 272 11.81 -12.02 20.38
C VAL B 272 13.20 -12.00 21.00
N VAL B 273 13.28 -11.84 22.32
CA VAL B 273 14.57 -11.87 23.02
C VAL B 273 15.13 -13.29 23.05
N CYS B 274 14.25 -14.30 23.02
CA CYS B 274 14.70 -15.69 23.07
C CYS B 274 15.13 -16.18 21.69
N MET B 275 14.60 -15.60 20.63
CA MET B 275 15.00 -15.95 19.27
C MET B 275 16.33 -15.32 18.89
N PHE B 276 16.58 -14.10 19.37
CA PHE B 276 17.88 -13.47 19.15
C PHE B 276 18.99 -14.20 19.88
N LEU B 277 18.70 -14.76 21.06
CA LEU B 277 19.68 -15.50 21.84
C LEU B 277 19.98 -16.87 21.25
N ALA B 278 19.06 -17.43 20.47
CA ALA B 278 19.25 -18.73 19.84
C ALA B 278 19.95 -18.65 18.49
N ILE B 279 19.88 -17.52 17.80
CA ILE B 279 20.65 -17.34 16.56
C ILE B 279 22.00 -16.68 16.87
N SER B 280 22.38 -16.66 18.15
CA SER B 280 23.61 -15.99 18.54
C SER B 280 24.44 -16.80 19.53
N VAL B 281 24.12 -18.07 19.74
CA VAL B 281 24.78 -18.91 20.75
C VAL B 281 26.29 -18.91 20.52
N PRO B 282 27.09 -18.74 21.58
CA PRO B 282 28.54 -18.70 21.42
C PRO B 282 29.07 -20.02 20.89
N PRO B 283 29.92 -19.98 19.86
CA PRO B 283 30.43 -21.24 19.27
C PRO B 283 30.90 -22.26 20.29
N MET B 284 31.51 -21.80 21.38
CA MET B 284 32.02 -22.72 22.40
C MET B 284 30.94 -23.68 22.87
N PHE B 285 29.71 -23.21 22.97
CA PHE B 285 28.59 -24.01 23.46
C PHE B 285 27.81 -24.69 22.34
N SER B 286 28.27 -24.59 21.10
CA SER B 286 27.43 -25.14 20.05
C SER B 286 27.92 -26.53 19.63
N PRO B 287 27.01 -27.44 19.33
CA PRO B 287 27.42 -28.77 18.86
C PRO B 287 27.95 -28.70 17.44
N ASN B 288 28.86 -29.64 17.13
CA ASN B 288 29.49 -29.69 15.81
C ASN B 288 28.53 -30.33 14.81
N ARG B 289 27.44 -29.61 14.53
CA ARG B 289 26.47 -30.03 13.55
C ARG B 289 26.06 -28.83 12.70
N LYS B 290 25.55 -29.12 11.50
CA LYS B 290 25.19 -28.06 10.57
C LYS B 290 23.90 -27.34 10.96
N TYR B 291 22.99 -28.03 11.63
CA TYR B 291 21.67 -27.48 11.93
C TYR B 291 21.35 -27.66 13.40
N LEU B 292 20.45 -26.81 13.89
CA LEU B 292 19.92 -26.92 15.24
C LEU B 292 18.69 -27.82 15.26
N HIS B 293 18.32 -28.26 16.45
CA HIS B 293 17.17 -29.15 16.59
C HIS B 293 15.89 -28.38 16.30
N PRO B 294 14.97 -28.93 15.50
CA PRO B 294 13.75 -28.20 15.15
C PRO B 294 12.86 -27.88 16.35
N ALA B 295 13.01 -28.59 17.47
CA ALA B 295 12.17 -28.34 18.63
C ALA B 295 12.41 -26.97 19.26
N ILE B 296 13.57 -26.37 19.02
CA ILE B 296 13.83 -25.03 19.55
C ILE B 296 12.93 -24.01 18.87
N TRP B 297 12.73 -24.15 17.55
CA TRP B 297 11.86 -23.22 16.83
C TRP B 297 10.41 -23.34 17.31
N CYS B 298 9.94 -24.55 17.55
CA CYS B 298 8.54 -24.75 17.93
C CYS B 298 8.24 -24.18 19.31
N VAL B 299 9.22 -24.18 20.22
CA VAL B 299 8.95 -23.76 21.58
C VAL B 299 8.93 -22.24 21.71
N PHE B 300 9.63 -21.53 20.82
CA PHE B 300 9.73 -20.08 20.90
C PHE B 300 8.82 -19.36 19.91
N MET B 301 8.54 -19.95 18.76
CA MET B 301 7.65 -19.34 17.78
C MET B 301 6.20 -19.80 17.91
N GLY B 302 5.93 -20.78 18.77
CA GLY B 302 4.57 -21.25 18.98
C GLY B 302 3.70 -20.21 19.65
N PRO B 303 4.09 -19.76 20.84
CA PRO B 303 3.33 -18.71 21.52
C PRO B 303 3.21 -17.42 20.71
N TYR B 304 4.26 -17.06 19.97
CA TYR B 304 4.20 -15.83 19.18
C TYR B 304 3.15 -15.92 18.08
N PHE B 305 3.07 -17.06 17.40
CA PHE B 305 2.08 -17.22 16.34
C PHE B 305 0.66 -17.20 16.90
N PHE B 306 0.46 -17.83 18.06
CA PHE B 306 -0.87 -17.85 18.66
C PHE B 306 -1.34 -16.44 19.01
N LEU B 307 -0.45 -15.62 19.57
CA LEU B 307 -0.85 -14.27 19.97
C LEU B 307 -1.19 -13.41 18.75
N GLU B 308 -0.41 -13.53 17.68
CA GLU B 308 -0.64 -12.68 16.51
C GLU B 308 -1.85 -13.12 15.69
N LEU B 309 -2.29 -14.38 15.83
CA LEU B 309 -3.52 -14.81 15.18
C LEU B 309 -4.73 -14.05 15.72
N LYS B 310 -4.79 -13.88 17.05
CA LYS B 310 -5.91 -13.17 17.64
C LYS B 310 -5.87 -11.68 17.33
N ILE B 311 -4.69 -11.07 17.43
CA ILE B 311 -4.58 -9.62 17.24
C ILE B 311 -4.88 -9.23 15.80
N TYR B 312 -4.31 -9.97 14.84
CA TYR B 312 -4.52 -9.64 13.44
C TYR B 312 -5.98 -9.75 13.05
N GLY B 313 -6.69 -10.74 13.60
CA GLY B 313 -8.11 -10.85 13.32
C GLY B 313 -8.91 -9.64 13.76
N GLN B 314 -8.55 -9.07 14.90
CA GLN B 314 -9.24 -7.87 15.38
C GLN B 314 -8.99 -6.66 14.49
N TRP B 315 -7.80 -6.57 13.89
CA TRP B 315 -7.47 -5.42 13.06
C TRP B 315 -8.39 -5.33 11.84
N LEU B 316 -8.67 -6.46 11.21
CA LEU B 316 -9.44 -6.48 9.96
C LEU B 316 -10.94 -6.49 10.20
N SER B 317 -11.40 -6.53 11.45
CA SER B 317 -12.81 -6.54 11.76
C SER B 317 -13.29 -5.13 12.09
N GLY B 318 -14.57 -5.02 12.44
CA GLY B 318 -15.17 -3.73 12.76
C GLY B 318 -15.49 -3.57 14.23
N GLY B 319 -14.57 -4.02 15.10
CA GLY B 319 -14.77 -3.96 16.53
C GLY B 319 -14.20 -2.71 17.15
N LYS B 320 -14.07 -2.75 18.48
CA LYS B 320 -13.55 -1.62 19.24
C LYS B 320 -12.03 -1.54 19.22
N ARG B 321 -11.33 -2.58 18.78
CA ARG B 321 -9.88 -2.63 18.80
C ARG B 321 -9.31 -2.83 17.40
N ARG B 322 -9.87 -2.14 16.41
CA ARG B 322 -9.34 -2.18 15.06
C ARG B 322 -8.17 -1.21 14.92
N LEU B 323 -7.29 -1.51 13.96
CA LEU B 323 -6.04 -0.77 13.80
C LEU B 323 -6.27 0.75 13.73
N CYS B 324 -7.29 1.18 13.00
CA CYS B 324 -7.56 2.62 12.91
C CYS B 324 -7.92 3.24 14.25
N LYS B 325 -8.23 2.44 15.27
CA LYS B 325 -8.54 2.96 16.59
C LYS B 325 -7.38 2.88 17.58
N VAL B 326 -6.33 2.11 17.28
CA VAL B 326 -5.26 1.87 18.25
C VAL B 326 -3.89 2.09 17.64
N ALA B 327 -3.82 2.15 16.30
CA ALA B 327 -2.53 2.18 15.63
C ALA B 327 -1.66 3.31 16.14
N ASN B 328 -0.46 2.95 16.63
CA ASN B 328 0.51 3.90 17.15
C ASN B 328 1.90 3.54 16.66
N PRO B 329 2.92 4.36 16.92
CA PRO B 329 4.27 4.03 16.43
C PRO B 329 4.81 2.74 17.01
N SER B 330 4.37 2.35 18.21
CA SER B 330 4.85 1.12 18.84
C SER B 330 4.19 -0.13 18.28
N SER B 331 3.20 0.01 17.40
CA SER B 331 2.54 -1.14 16.79
C SER B 331 3.46 -1.92 15.86
N HIS B 332 4.72 -1.51 15.71
CA HIS B 332 5.65 -2.21 14.84
C HIS B 332 6.32 -3.41 15.50
N LEU B 333 6.16 -3.57 16.82
CA LEU B 333 6.75 -4.69 17.52
C LEU B 333 6.01 -6.00 17.27
N SER B 334 4.76 -5.95 16.81
CA SER B 334 3.99 -7.15 16.51
C SER B 334 4.20 -7.66 15.10
N VAL B 335 5.07 -7.02 14.32
CA VAL B 335 5.36 -7.43 12.96
C VAL B 335 6.80 -7.90 12.82
N VAL B 336 7.74 -7.27 13.52
CA VAL B 336 9.15 -7.58 13.37
C VAL B 336 9.46 -9.02 13.75
N GLY B 337 8.64 -9.63 14.60
CA GLY B 337 8.90 -10.99 15.04
C GLY B 337 8.66 -12.04 13.98
N ASN B 338 8.00 -11.70 12.88
CA ASN B 338 7.82 -12.65 11.79
C ASN B 338 9.12 -12.86 11.02
N PHE B 339 9.89 -11.78 10.84
CA PHE B 339 11.16 -11.88 10.12
C PHE B 339 12.26 -12.49 10.97
N VAL B 340 12.24 -12.26 12.28
CA VAL B 340 13.26 -12.85 13.15
C VAL B 340 13.06 -14.36 13.24
N GLY B 341 11.81 -14.82 13.23
CA GLY B 341 11.54 -16.24 13.25
C GLY B 341 11.83 -16.94 11.94
N ALA B 342 11.83 -16.20 10.83
CA ALA B 342 12.21 -16.79 9.54
C ALA B 342 13.68 -17.20 9.53
N ILE B 343 14.54 -16.39 10.14
CA ILE B 343 15.96 -16.74 10.23
C ILE B 343 16.14 -18.01 11.03
N LEU B 344 15.43 -18.14 12.15
CA LEU B 344 15.57 -19.32 12.99
C LEU B 344 15.09 -20.58 12.26
N ALA B 345 14.04 -20.45 11.45
CA ALA B 345 13.53 -21.60 10.71
C ALA B 345 14.57 -22.12 9.73
N SER B 346 15.27 -21.22 9.04
CA SER B 346 16.30 -21.64 8.11
C SER B 346 17.43 -22.38 8.81
N LYS B 347 17.82 -21.90 10.00
CA LYS B 347 18.92 -22.52 10.74
C LYS B 347 18.58 -23.90 11.26
N VAL B 348 17.31 -24.31 11.22
CA VAL B 348 16.92 -25.65 11.62
C VAL B 348 16.62 -26.55 10.43
N GLY B 349 16.78 -26.05 9.21
CA GLY B 349 16.59 -26.85 8.02
C GLY B 349 15.22 -26.79 7.39
N TRP B 350 14.37 -25.84 7.77
CA TRP B 350 13.01 -25.72 7.25
C TRP B 350 12.93 -24.42 6.47
N ASP B 351 13.30 -24.48 5.18
CA ASP B 351 13.31 -23.29 4.34
C ASP B 351 11.92 -22.89 3.89
N GLU B 352 11.04 -23.87 3.66
CA GLU B 352 9.68 -23.55 3.22
C GLU B 352 8.88 -22.85 4.33
N VAL B 353 9.10 -23.24 5.58
CA VAL B 353 8.44 -22.57 6.69
C VAL B 353 8.91 -21.12 6.80
N ALA B 354 10.20 -20.88 6.55
CA ALA B 354 10.72 -19.52 6.58
C ALA B 354 10.07 -18.63 5.52
N LYS B 355 9.84 -19.19 4.33
CA LYS B 355 9.21 -18.43 3.26
C LYS B 355 7.78 -18.04 3.63
N PHE B 356 7.06 -18.94 4.31
CA PHE B 356 5.70 -18.63 4.73
C PHE B 356 5.67 -17.48 5.74
N LEU B 357 6.61 -17.48 6.69
CA LEU B 357 6.64 -16.44 7.70
C LEU B 357 7.08 -15.10 7.12
N TRP B 358 7.85 -15.11 6.03
CA TRP B 358 8.24 -13.87 5.38
C TRP B 358 7.05 -13.22 4.67
N ALA B 359 6.20 -14.02 4.04
CA ALA B 359 5.03 -13.47 3.35
C ALA B 359 4.04 -12.84 4.31
N VAL B 360 3.86 -13.42 5.49
CA VAL B 360 2.91 -12.87 6.45
C VAL B 360 3.41 -11.57 7.05
N GLY B 361 4.71 -11.51 7.39
CA GLY B 361 5.27 -10.27 7.89
C GLY B 361 5.25 -9.15 6.88
N PHE B 362 5.38 -9.48 5.60
CA PHE B 362 5.35 -8.48 4.54
C PHE B 362 3.96 -7.90 4.32
N ALA B 363 2.90 -8.69 4.49
CA ALA B 363 1.56 -8.16 4.29
C ALA B 363 1.10 -7.23 5.41
N HIS B 364 1.58 -7.45 6.64
CA HIS B 364 1.17 -6.63 7.77
C HIS B 364 2.04 -5.39 7.98
N TYR B 365 3.23 -5.34 7.39
CA TYR B 365 4.08 -4.15 7.48
C TYR B 365 3.61 -3.03 6.56
N LEU B 366 3.14 -3.36 5.36
CA LEU B 366 2.58 -2.36 4.47
C LEU B 366 1.25 -1.80 4.97
N VAL B 367 0.43 -2.63 5.63
CA VAL B 367 -0.78 -2.09 6.22
C VAL B 367 -0.45 -1.13 7.35
N VAL B 368 0.51 -1.50 8.21
CA VAL B 368 0.89 -0.64 9.32
C VAL B 368 1.71 0.57 8.86
N PHE B 369 2.43 0.44 7.75
CA PHE B 369 3.22 1.55 7.24
C PHE B 369 2.36 2.61 6.55
N VAL B 370 1.41 2.18 5.73
CA VAL B 370 0.50 3.13 5.09
C VAL B 370 -0.56 3.68 6.04
N THR B 371 -0.91 2.93 7.09
CA THR B 371 -1.94 3.38 8.01
C THR B 371 -1.46 4.52 8.91
N LEU B 372 -0.15 4.69 9.07
CA LEU B 372 0.37 5.74 9.94
C LEU B 372 0.43 7.10 9.28
N TYR B 373 0.02 7.22 8.01
CA TYR B 373 -0.03 8.50 7.32
C TYR B 373 -1.44 9.05 7.20
N GLN B 374 -2.43 8.39 7.81
CA GLN B 374 -3.81 8.82 7.70
C GLN B 374 -4.23 9.61 8.94
N ARG B 375 -5.52 9.96 8.99
CA ARG B 375 -6.07 10.71 10.10
C ARG B 375 -6.58 9.75 11.17
N LEU B 376 -6.01 9.83 12.37
CA LEU B 376 -6.32 8.88 13.42
C LEU B 376 -6.73 9.61 14.69
N PRO B 377 -7.12 8.88 15.75
CA PRO B 377 -7.41 9.51 17.04
C PRO B 377 -6.36 10.54 17.44
N THR B 378 -6.82 11.69 17.93
CA THR B 378 -5.92 12.77 18.32
C THR B 378 -5.37 12.51 19.72
N SER B 379 -4.06 12.57 19.86
CA SER B 379 -3.39 12.32 21.13
C SER B 379 -1.91 12.71 20.95
N GLU B 380 -1.11 12.44 21.97
CA GLU B 380 0.31 12.78 21.96
C GLU B 380 1.19 11.62 21.54
N ALA B 381 0.60 10.51 21.09
CA ALA B 381 1.37 9.36 20.65
C ALA B 381 2.15 9.64 19.37
N LEU B 382 1.84 10.72 18.67
CA LEU B 382 2.57 11.14 17.46
C LEU B 382 3.20 12.50 17.71
N PRO B 383 4.45 12.55 18.13
CA PRO B 383 5.08 13.85 18.42
C PRO B 383 5.05 14.77 17.20
N LYS B 384 4.84 16.06 17.46
CA LYS B 384 4.78 17.04 16.38
C LYS B 384 6.13 17.21 15.68
N GLU B 385 7.22 16.74 16.29
CA GLU B 385 8.55 16.82 15.71
C GLU B 385 9.19 15.44 15.74
N LEU B 386 10.32 15.32 15.03
CA LEU B 386 11.05 14.06 15.02
C LEU B 386 11.57 13.75 16.42
N HIS B 387 11.23 12.58 16.94
CA HIS B 387 11.54 12.19 18.30
C HIS B 387 11.98 10.73 18.29
N PRO B 388 12.84 10.33 19.24
CA PRO B 388 13.46 8.99 19.16
C PRO B 388 12.49 7.84 18.98
N VAL B 389 11.19 8.06 19.22
CA VAL B 389 10.22 6.98 19.10
C VAL B 389 10.04 6.54 17.66
N TYR B 390 10.41 7.39 16.69
CA TYR B 390 10.26 7.04 15.28
C TYR B 390 11.29 6.01 14.81
N SER B 391 12.28 5.68 15.65
CA SER B 391 13.25 4.65 15.29
C SER B 391 12.62 3.26 15.15
N MET B 392 11.39 3.07 15.63
CA MET B 392 10.72 1.79 15.48
C MET B 392 10.34 1.47 14.04
N PHE B 393 10.45 2.44 13.14
CA PHE B 393 10.13 2.22 11.74
C PHE B 393 11.27 1.60 10.95
N ILE B 394 12.41 1.36 11.58
CA ILE B 394 13.58 0.81 10.89
C ILE B 394 13.77 -0.68 11.13
N ALA B 395 13.22 -1.23 12.21
CA ALA B 395 13.51 -2.62 12.57
C ALA B 395 13.01 -3.58 11.51
N ALA B 396 11.78 -3.38 11.03
CA ALA B 396 11.21 -4.33 10.07
C ALA B 396 11.98 -4.40 8.77
N PRO B 397 12.28 -3.28 8.09
CA PRO B 397 13.01 -3.39 6.81
C PRO B 397 14.39 -4.01 6.95
N SER B 398 15.08 -3.74 8.05
CA SER B 398 16.42 -4.29 8.23
C SER B 398 16.38 -5.80 8.43
N ALA B 399 15.42 -6.30 9.21
CA ALA B 399 15.32 -7.74 9.43
C ALA B 399 14.86 -8.48 8.19
N ALA B 400 14.01 -7.85 7.37
CA ALA B 400 13.56 -8.50 6.14
C ALA B 400 14.73 -8.72 5.18
N SER B 401 15.62 -7.73 5.07
CA SER B 401 16.80 -7.89 4.21
C SER B 401 17.72 -9.00 4.71
N ILE B 402 17.94 -9.06 6.03
CA ILE B 402 18.78 -10.11 6.58
C ILE B 402 18.13 -11.48 6.40
N ALA B 403 16.81 -11.55 6.56
CA ALA B 403 16.13 -12.84 6.46
C ALA B 403 16.04 -13.31 5.02
N TRP B 404 15.96 -12.38 4.06
CA TRP B 404 15.90 -12.77 2.65
C TRP B 404 17.23 -13.33 2.17
N ASN B 405 18.34 -12.77 2.64
CA ASN B 405 19.66 -13.26 2.22
C ASN B 405 19.97 -14.64 2.76
N THR B 406 19.34 -15.03 3.87
CA THR B 406 19.57 -16.35 4.44
C THR B 406 18.74 -17.43 3.75
N ILE B 407 17.61 -17.08 3.16
CA ILE B 407 16.79 -18.07 2.49
C ILE B 407 17.30 -18.37 1.08
N TYR B 408 17.92 -17.40 0.41
CA TYR B 408 18.31 -17.57 -0.98
C TYR B 408 19.81 -17.55 -1.22
N GLY B 409 20.62 -17.20 -0.20
CA GLY B 409 22.05 -17.25 -0.32
C GLY B 409 22.73 -16.04 -0.90
N GLN B 410 22.00 -15.06 -1.42
CA GLN B 410 22.64 -13.92 -2.07
C GLN B 410 21.87 -12.63 -1.78
N PHE B 411 22.62 -11.53 -1.74
CA PHE B 411 22.07 -10.19 -1.53
C PHE B 411 21.69 -9.64 -2.90
N ASP B 412 20.43 -9.83 -3.27
CA ASP B 412 19.93 -9.53 -4.59
C ASP B 412 19.12 -8.23 -4.56
N GLY B 413 18.26 -8.03 -5.57
CA GLY B 413 17.49 -6.82 -5.70
C GLY B 413 16.38 -6.66 -4.69
N CYS B 414 16.05 -7.71 -3.95
CA CYS B 414 15.06 -7.61 -2.89
C CYS B 414 15.68 -7.19 -1.57
N SER B 415 16.81 -7.78 -1.20
CA SER B 415 17.48 -7.38 0.04
C SER B 415 18.03 -5.98 -0.05
N ARG B 416 18.51 -5.58 -1.24
CA ARG B 416 19.03 -4.23 -1.43
C ARG B 416 17.94 -3.17 -1.35
N THR B 417 16.71 -3.49 -1.76
CA THR B 417 15.62 -2.53 -1.60
C THR B 417 15.21 -2.40 -0.14
N CYS B 418 15.07 -3.53 0.56
CA CYS B 418 14.76 -3.48 1.99
C CYS B 418 15.85 -2.74 2.76
N PHE B 419 17.11 -3.07 2.50
CA PHE B 419 18.22 -2.40 3.17
C PHE B 419 18.27 -0.92 2.85
N PHE B 420 17.95 -0.53 1.61
CA PHE B 420 18.05 0.86 1.21
C PHE B 420 16.88 1.71 1.69
N ILE B 421 15.75 1.09 2.06
CA ILE B 421 14.66 1.85 2.65
C ILE B 421 14.95 2.16 4.12
N ALA B 422 15.49 1.18 4.85
CA ALA B 422 15.82 1.40 6.25
C ALA B 422 16.97 2.38 6.42
N LEU B 423 17.87 2.45 5.45
CA LEU B 423 19.01 3.36 5.55
C LEU B 423 18.58 4.82 5.36
N PHE B 424 17.60 5.07 4.50
CA PHE B 424 17.10 6.43 4.33
C PHE B 424 16.48 6.95 5.63
N LEU B 425 15.70 6.11 6.31
CA LEU B 425 15.09 6.51 7.58
C LEU B 425 16.14 6.76 8.65
N TYR B 426 17.24 6.00 8.61
CA TYR B 426 18.30 6.18 9.61
C TYR B 426 18.91 7.57 9.50
N ILE B 427 19.14 8.05 8.28
CA ILE B 427 19.75 9.37 8.10
C ILE B 427 18.80 10.47 8.57
N SER B 428 17.52 10.36 8.22
CA SER B 428 16.58 11.41 8.58
C SER B 428 16.46 11.59 10.09
N LEU B 429 16.59 10.51 10.85
CA LEU B 429 16.42 10.56 12.30
C LEU B 429 17.71 10.82 13.06
N VAL B 430 18.86 10.49 12.48
CA VAL B 430 20.13 10.57 13.19
C VAL B 430 21.06 11.65 12.66
N ALA B 431 20.81 12.16 11.44
CA ALA B 431 21.70 13.14 10.82
C ALA B 431 21.38 14.57 11.24
N ARG B 432 20.68 14.76 12.35
CA ARG B 432 20.40 16.08 12.89
C ARG B 432 21.25 16.33 14.12
N ILE B 433 21.24 17.59 14.58
CA ILE B 433 22.02 17.98 15.74
C ILE B 433 21.22 17.96 17.04
N ASN B 434 19.90 18.06 16.97
CA ASN B 434 19.06 17.97 18.16
C ASN B 434 18.90 16.55 18.66
N PHE B 435 19.23 15.55 17.84
CA PHE B 435 19.18 14.16 18.30
C PHE B 435 20.14 13.92 19.45
N PHE B 436 21.25 14.66 19.50
CA PHE B 436 22.25 14.50 20.55
C PHE B 436 22.14 15.55 21.63
N THR B 437 21.91 16.82 21.27
CA THR B 437 21.80 17.87 22.28
C THR B 437 20.63 17.60 23.22
N GLY B 438 19.49 17.19 22.69
CA GLY B 438 18.33 16.89 23.52
C GLY B 438 18.22 15.41 23.83
N PHE B 439 18.65 15.01 25.02
CA PHE B 439 18.62 13.61 25.43
C PHE B 439 18.27 13.55 26.91
N LYS B 440 17.18 12.86 27.23
CA LYS B 440 16.75 12.67 28.61
C LYS B 440 16.60 11.19 28.89
N PHE B 441 17.02 10.77 30.08
CA PHE B 441 17.00 9.35 30.42
C PHE B 441 15.57 8.86 30.60
N SER B 442 15.31 7.66 30.08
CA SER B 442 14.02 7.00 30.26
C SER B 442 14.22 5.50 30.11
N VAL B 443 13.28 4.74 30.66
CA VAL B 443 13.34 3.29 30.51
C VAL B 443 12.95 2.87 29.11
N ALA B 444 12.22 3.73 28.38
CA ALA B 444 11.87 3.44 26.99
C ALA B 444 13.04 3.64 26.05
N TRP B 445 14.09 4.37 26.47
CA TRP B 445 15.27 4.52 25.64
C TRP B 445 15.89 3.17 25.30
N TRP B 446 15.74 2.19 26.19
CA TRP B 446 16.26 0.85 25.94
C TRP B 446 15.57 0.18 24.77
N SER B 447 14.37 0.65 24.40
CA SER B 447 13.62 0.11 23.28
C SER B 447 13.82 0.87 21.99
N TYR B 448 14.60 1.95 21.99
CA TYR B 448 14.86 2.71 20.78
C TYR B 448 16.22 2.41 20.19
N THR B 449 17.02 1.58 20.87
CA THR B 449 18.37 1.27 20.46
C THR B 449 18.45 -0.04 19.69
N PHE B 450 17.55 -0.98 19.99
CA PHE B 450 17.55 -2.26 19.30
C PHE B 450 17.27 -2.13 17.81
N PRO B 451 16.45 -1.18 17.34
CA PRO B 451 16.28 -1.01 15.89
C PRO B 451 17.50 -0.42 15.20
N MET B 452 18.40 0.20 15.96
CA MET B 452 19.65 0.75 15.42
C MET B 452 20.77 -0.28 15.37
N THR B 453 20.80 -1.19 16.35
CA THR B 453 21.75 -2.30 16.32
C THR B 453 21.39 -3.34 15.26
N THR B 454 20.14 -3.37 14.81
CA THR B 454 19.77 -4.31 13.75
C THR B 454 20.14 -3.76 12.37
N ALA B 455 19.97 -2.45 12.16
CA ALA B 455 20.42 -1.84 10.91
C ALA B 455 21.92 -1.99 10.73
N SER B 456 22.68 -2.13 11.83
CA SER B 456 24.11 -2.35 11.72
C SER B 456 24.45 -3.77 11.30
N VAL B 457 23.61 -4.74 11.65
CA VAL B 457 23.85 -6.12 11.23
C VAL B 457 23.61 -6.27 9.74
N ALA B 458 22.64 -5.55 9.19
CA ALA B 458 22.38 -5.62 7.75
C ALA B 458 23.44 -4.88 6.94
N THR B 459 24.15 -3.93 7.55
CA THR B 459 25.23 -3.24 6.85
C THR B 459 26.48 -4.09 6.71
N ILE B 460 26.66 -5.07 7.59
CA ILE B 460 27.81 -5.97 7.45
C ILE B 460 27.53 -7.05 6.41
N LYS B 461 26.27 -7.45 6.27
CA LYS B 461 25.92 -8.39 5.21
C LYS B 461 26.04 -7.74 3.84
N TYR B 462 25.70 -6.46 3.74
CA TYR B 462 25.81 -5.77 2.46
C TYR B 462 27.27 -5.55 2.07
N ALA B 463 28.16 -5.35 3.05
CA ALA B 463 29.57 -5.17 2.75
C ALA B 463 30.21 -6.43 2.20
N GLU B 464 29.64 -7.60 2.48
CA GLU B 464 30.18 -8.84 1.93
C GLU B 464 29.82 -9.00 0.46
N ALA B 465 28.62 -8.59 0.06
CA ALA B 465 28.20 -8.70 -1.33
C ALA B 465 28.86 -7.66 -2.22
N VAL B 466 29.31 -6.54 -1.65
CA VAL B 466 29.93 -5.46 -2.41
C VAL B 466 31.24 -5.09 -1.74
N PRO B 467 32.31 -5.87 -1.95
CA PRO B 467 33.57 -5.58 -1.25
C PRO B 467 34.21 -4.29 -1.73
N GLY B 468 34.80 -3.56 -0.79
CA GLY B 468 35.42 -2.30 -1.11
C GLY B 468 35.54 -1.43 0.12
N TYR B 469 36.12 -0.25 -0.08
CA TYR B 469 36.36 0.70 0.99
C TYR B 469 35.13 1.54 1.28
N PRO B 470 34.34 1.91 0.27
CA PRO B 470 33.09 2.62 0.55
C PRO B 470 32.13 1.83 1.44
N SER B 471 32.14 0.50 1.36
CA SER B 471 31.25 -0.31 2.19
C SER B 471 31.85 -0.62 3.55
N ARG B 472 33.18 -0.74 3.65
CA ARG B 472 33.80 -0.99 4.94
C ARG B 472 33.59 0.18 5.89
N ALA B 473 33.72 1.41 5.39
CA ALA B 473 33.53 2.58 6.24
C ALA B 473 32.08 2.70 6.71
N LEU B 474 31.13 2.41 5.82
CA LEU B 474 29.73 2.50 6.20
C LEU B 474 29.38 1.54 7.32
N ALA B 475 29.88 0.30 7.23
CA ALA B 475 29.59 -0.68 8.27
C ALA B 475 30.18 -0.28 9.61
N LEU B 476 31.41 0.23 9.60
CA LEU B 476 32.05 0.61 10.86
C LEU B 476 31.39 1.83 11.49
N THR B 477 30.93 2.77 10.66
CA THR B 477 30.35 4.00 11.19
C THR B 477 29.04 3.71 11.94
N LEU B 478 28.17 2.89 11.35
CA LEU B 478 26.90 2.57 12.00
C LEU B 478 27.11 1.73 13.25
N SER B 479 28.07 0.79 13.21
CA SER B 479 28.31 -0.07 14.37
C SER B 479 28.81 0.75 15.56
N PHE B 480 29.70 1.72 15.30
CA PHE B 480 30.23 2.53 16.39
C PHE B 480 29.15 3.33 17.08
N ILE B 481 28.23 3.92 16.31
CA ILE B 481 27.19 4.76 16.90
C ILE B 481 26.27 3.94 17.78
N SER B 482 25.88 2.75 17.31
CA SER B 482 24.97 1.92 18.08
C SER B 482 25.59 1.48 19.41
N THR B 483 26.86 1.09 19.38
CA THR B 483 27.52 0.66 20.61
C THR B 483 27.66 1.80 21.60
N ALA B 484 27.96 3.01 21.11
CA ALA B 484 28.11 4.15 22.01
C ALA B 484 26.80 4.51 22.68
N MET B 485 25.68 4.45 21.92
CA MET B 485 24.38 4.76 22.50
C MET B 485 24.02 3.80 23.63
N VAL B 486 24.50 2.55 23.55
CA VAL B 486 24.16 1.57 24.57
C VAL B 486 25.05 1.73 25.80
N CYS B 487 26.27 2.27 25.63
CA CYS B 487 27.15 2.47 26.78
C CYS B 487 26.65 3.61 27.66
N VAL B 488 26.09 4.66 27.05
CA VAL B 488 25.56 5.76 27.84
C VAL B 488 24.39 5.29 28.69
N LEU B 489 23.48 4.51 28.10
CA LEU B 489 22.33 4.01 28.85
C LEU B 489 22.74 3.10 29.98
N PHE B 490 23.85 2.38 29.81
CA PHE B 490 24.30 1.45 30.85
C PHE B 490 24.74 2.20 32.10
N VAL B 491 25.54 3.26 31.93
CA VAL B 491 26.05 4.00 33.07
C VAL B 491 24.92 4.77 33.76
N SER B 492 24.07 5.43 32.98
CA SER B 492 23.01 6.24 33.56
C SER B 492 21.98 5.38 34.29
N THR B 493 21.78 4.14 33.85
CA THR B 493 20.82 3.27 34.52
C THR B 493 21.29 2.88 35.92
N LEU B 494 22.60 2.67 36.09
CA LEU B 494 23.12 2.30 37.40
C LEU B 494 23.17 3.50 38.35
N LEU B 495 23.45 4.69 37.82
CA LEU B 495 23.48 5.88 38.66
C LEU B 495 22.12 6.16 39.29
N HIS B 496 21.05 6.03 38.50
CA HIS B 496 19.72 6.28 39.03
C HIS B 496 19.35 5.24 40.09
N ALA B 497 19.76 3.98 39.89
CA ALA B 497 19.34 2.91 40.79
C ALA B 497 20.03 3.01 42.15
N PHE B 498 21.33 3.26 42.16
CA PHE B 498 22.11 3.21 43.39
C PHE B 498 22.73 4.54 43.79
N VAL B 499 22.42 5.61 43.06
CA VAL B 499 22.93 6.94 43.43
C VAL B 499 21.83 7.98 43.57
N TRP B 500 20.66 7.81 42.96
CA TRP B 500 19.56 8.75 43.09
C TRP B 500 18.24 8.11 43.51
N GLN B 501 18.08 6.80 43.35
CA GLN B 501 16.89 6.08 43.82
C GLN B 501 15.62 6.71 43.26
N THR B 502 15.56 6.78 41.93
CA THR B 502 14.39 7.32 41.25
C THR B 502 14.04 6.50 40.01
N LEU B 503 14.29 5.19 40.04
CA LEU B 503 14.10 4.34 38.89
C LEU B 503 12.76 3.61 38.87
N PHE B 504 12.08 3.50 40.01
CA PHE B 504 10.79 2.80 40.10
C PHE B 504 9.77 3.70 40.80
N PRO B 505 9.32 4.75 40.13
CA PRO B 505 8.25 5.58 40.69
C PRO B 505 6.90 4.90 40.57
N ASN B 506 5.89 5.52 41.20
CA ASN B 506 4.53 5.00 41.12
C ASN B 506 4.01 5.08 39.68
N ASP B 507 3.26 4.07 39.29
CA ASP B 507 2.70 3.99 37.93
C ASP B 507 1.24 4.42 37.99
N LEU B 508 1.02 5.73 37.83
CA LEU B 508 -0.31 6.30 37.93
C LEU B 508 -1.15 6.11 36.66
N ALA B 509 -0.53 5.72 35.55
CA ALA B 509 -1.26 5.56 34.30
C ALA B 509 -2.22 4.38 34.30
N ILE B 510 -2.14 3.49 35.31
CA ILE B 510 -2.99 2.31 35.36
C ILE B 510 -4.13 2.48 36.38
N ALA B 511 -4.26 3.66 36.97
CA ALA B 511 -5.28 3.92 37.98
C ALA B 511 -6.33 4.92 37.51
N ILE B 512 -6.42 5.16 36.20
CA ILE B 512 -7.38 6.13 35.69
C ILE B 512 -8.79 5.58 35.83
N THR B 513 -9.74 6.49 36.04
CA THR B 513 -11.13 6.09 36.13
C THR B 513 -11.68 5.69 34.76
N LYS B 514 -12.71 4.84 34.77
CA LYS B 514 -13.27 4.28 33.55
C LYS B 514 -14.39 5.11 32.96
N ARG B 515 -14.89 6.12 33.67
CA ARG B 515 -16.07 6.85 33.22
C ARG B 515 -15.83 8.35 33.11
N LYS B 516 -14.93 8.88 33.93
CA LYS B 516 -14.71 10.32 33.99
C LYS B 516 -15.92 11.04 34.58
N ASP C 105 -50.22 0.07 -8.62
CA ASP C 105 -49.60 -0.33 -7.36
C ASP C 105 -48.17 -0.80 -7.61
N PHE C 106 -47.93 -1.38 -8.79
CA PHE C 106 -46.61 -1.85 -9.19
C PHE C 106 -46.10 -1.16 -10.44
N ASP C 107 -46.72 -0.05 -10.83
CA ASP C 107 -46.41 0.61 -12.09
C ASP C 107 -45.18 1.50 -12.03
N MET C 108 -44.69 1.83 -10.83
CA MET C 108 -43.50 2.68 -10.74
C MET C 108 -42.24 1.93 -11.13
N PHE C 109 -42.21 0.62 -10.90
CA PHE C 109 -41.04 -0.20 -11.23
C PHE C 109 -41.10 -0.76 -12.64
N ARG C 110 -42.19 -0.55 -13.37
CA ARG C 110 -42.30 -1.06 -14.72
C ARG C 110 -41.43 -0.25 -15.68
N THR C 111 -41.14 -0.84 -16.84
CA THR C 111 -40.36 -0.15 -17.85
C THR C 111 -41.15 1.00 -18.44
N LYS C 112 -40.44 2.12 -18.68
CA LYS C 112 -41.07 3.31 -19.25
C LYS C 112 -41.05 3.25 -20.78
N ASN C 148 -38.31 7.75 -8.32
CA ASN C 148 -37.39 6.61 -8.33
C ASN C 148 -36.02 7.04 -8.85
N GLU C 149 -35.68 8.31 -8.66
CA GLU C 149 -34.40 8.82 -9.12
C GLU C 149 -33.24 8.12 -8.38
N ASN C 150 -32.06 8.22 -8.97
CA ASN C 150 -30.88 7.59 -8.39
C ASN C 150 -30.64 8.11 -6.97
N VAL C 151 -30.76 7.21 -6.00
CA VAL C 151 -30.54 7.55 -4.59
C VAL C 151 -29.07 7.41 -4.27
N ASP C 152 -28.54 8.35 -3.49
CA ASP C 152 -27.14 8.32 -3.13
C ASP C 152 -26.83 7.11 -2.26
N ALA C 153 -25.57 6.66 -2.33
CA ALA C 153 -25.15 5.50 -1.54
C ALA C 153 -25.33 5.74 -0.04
N GLY C 154 -25.31 7.01 0.39
CA GLY C 154 -25.54 7.30 1.79
C GLY C 154 -26.91 6.86 2.27
N ARG C 155 -27.93 7.06 1.43
CA ARG C 155 -29.28 6.64 1.80
C ARG C 155 -29.36 5.12 1.95
N TYR C 156 -28.66 4.39 1.10
CA TYR C 156 -28.66 2.93 1.22
C TYR C 156 -28.08 2.49 2.56
N PHE C 157 -26.98 3.11 2.98
CA PHE C 157 -26.35 2.73 4.25
C PHE C 157 -27.16 3.16 5.45
N ALA C 158 -27.99 4.20 5.32
CA ALA C 158 -28.75 4.72 6.45
C ALA C 158 -30.07 4.00 6.66
N ALA C 159 -30.65 3.43 5.60
CA ALA C 159 -31.94 2.77 5.70
C ALA C 159 -31.84 1.24 5.69
N LEU C 160 -30.67 0.68 5.42
CA LEU C 160 -30.49 -0.76 5.32
C LEU C 160 -29.52 -1.24 6.40
N ARG C 161 -29.72 -2.48 6.83
CA ARG C 161 -28.91 -3.08 7.89
C ARG C 161 -28.57 -4.52 7.52
N GLY C 162 -27.48 -5.01 8.10
CA GLY C 162 -27.05 -6.36 7.87
C GLY C 162 -25.70 -6.44 7.17
N PRO C 163 -25.10 -7.63 7.15
CA PRO C 163 -23.80 -7.80 6.48
C PRO C 163 -23.88 -7.62 4.97
N GLU C 164 -25.07 -7.61 4.39
CA GLU C 164 -25.23 -7.51 2.94
C GLU C 164 -26.18 -6.39 2.54
N LEU C 165 -26.78 -5.68 3.49
CA LEU C 165 -27.69 -4.57 3.20
C LEU C 165 -28.93 -5.07 2.48
N ASP C 166 -29.61 -6.03 3.10
CA ASP C 166 -30.76 -6.68 2.50
C ASP C 166 -31.98 -6.67 3.41
N GLU C 167 -31.96 -5.87 4.48
CA GLU C 167 -33.08 -5.77 5.40
C GLU C 167 -33.35 -4.32 5.72
N VAL C 168 -34.63 -3.96 5.81
CA VAL C 168 -35.02 -2.59 6.12
C VAL C 168 -35.01 -2.40 7.63
N LYS C 169 -34.58 -1.22 8.08
CA LYS C 169 -34.61 -0.91 9.49
C LYS C 169 -36.05 -0.78 9.98
N ASP C 170 -36.19 -0.62 11.29
CA ASP C 170 -37.50 -0.66 11.93
C ASP C 170 -38.23 0.68 11.91
N ASN C 171 -37.56 1.77 11.55
CA ASN C 171 -38.20 3.08 11.44
C ASN C 171 -38.39 3.53 10.00
N GLU C 172 -38.19 2.65 9.02
CA GLU C 172 -38.23 3.02 7.62
C GLU C 172 -39.53 2.54 6.98
N ASP C 173 -40.05 3.34 6.05
CA ASP C 173 -41.26 3.03 5.31
C ASP C 173 -40.90 2.67 3.87
N ILE C 174 -41.59 1.69 3.32
CA ILE C 174 -41.32 1.22 1.97
C ILE C 174 -42.40 1.76 1.03
N LEU C 175 -42.16 1.61 -0.27
CA LEU C 175 -43.06 2.13 -1.29
C LEU C 175 -43.98 1.06 -1.87
N LEU C 176 -43.92 -0.16 -1.37
CA LEU C 176 -44.70 -1.28 -1.91
C LEU C 176 -45.34 -2.04 -0.75
N PRO C 177 -46.41 -2.79 -1.04
CA PRO C 177 -47.05 -3.58 0.01
C PRO C 177 -46.08 -4.55 0.65
N LYS C 178 -46.23 -4.76 1.96
CA LYS C 178 -45.32 -5.59 2.74
C LYS C 178 -45.88 -6.99 3.02
N GLU C 179 -47.14 -7.25 2.70
CA GLU C 179 -47.76 -8.54 3.00
C GLU C 179 -48.18 -9.28 1.74
N GLU C 180 -48.90 -8.63 0.83
CA GLU C 180 -49.36 -9.31 -0.37
C GLU C 180 -48.18 -9.74 -1.24
N GLN C 181 -48.27 -10.94 -1.79
CA GLN C 181 -47.19 -11.48 -2.60
C GLN C 181 -46.95 -10.61 -3.82
N TRP C 182 -45.68 -10.44 -4.17
CA TRP C 182 -45.27 -9.62 -5.30
C TRP C 182 -45.23 -10.46 -6.57
N PRO C 183 -45.11 -9.82 -7.74
CA PRO C 183 -44.85 -10.57 -8.96
C PRO C 183 -43.53 -11.33 -8.87
N PHE C 184 -43.47 -12.47 -9.55
CA PHE C 184 -42.30 -13.34 -9.43
C PHE C 184 -41.04 -12.62 -9.90
N LEU C 185 -41.12 -11.91 -11.02
CA LEU C 185 -39.93 -11.27 -11.58
C LEU C 185 -39.44 -10.11 -10.74
N LEU C 186 -40.19 -9.68 -9.73
CA LEU C 186 -39.77 -8.60 -8.84
C LEU C 186 -39.11 -9.11 -7.57
N ARG C 187 -39.13 -10.42 -7.32
CA ARG C 187 -38.49 -11.01 -6.15
C ARG C 187 -37.40 -11.99 -6.55
N PHE C 188 -36.78 -11.77 -7.71
CA PHE C 188 -35.66 -12.59 -8.16
C PHE C 188 -34.42 -11.71 -8.20
N PRO C 189 -33.53 -11.81 -7.22
CA PRO C 189 -32.40 -10.87 -7.14
C PRO C 189 -31.28 -11.22 -8.10
N ILE C 190 -30.35 -10.27 -8.24
CA ILE C 190 -29.14 -10.46 -9.02
C ILE C 190 -28.15 -11.39 -8.36
N GLY C 191 -28.39 -11.77 -7.10
CA GLY C 191 -27.51 -12.67 -6.39
C GLY C 191 -27.76 -14.15 -6.60
N CYS C 192 -28.61 -14.51 -7.56
CA CYS C 192 -28.77 -15.92 -7.93
C CYS C 192 -27.69 -16.37 -8.92
N PHE C 193 -26.86 -15.45 -9.41
CA PHE C 193 -25.69 -15.80 -10.21
C PHE C 193 -24.55 -16.34 -9.36
N GLY C 194 -24.64 -16.27 -8.03
CA GLY C 194 -23.63 -16.85 -7.18
C GLY C 194 -23.68 -18.37 -7.12
N ILE C 195 -24.83 -18.96 -7.43
CA ILE C 195 -24.90 -20.42 -7.53
C ILE C 195 -24.05 -20.90 -8.70
N CYS C 196 -24.05 -20.15 -9.81
CA CYS C 196 -23.22 -20.51 -10.94
C CYS C 196 -21.74 -20.43 -10.60
N LEU C 197 -21.34 -19.42 -9.81
CA LEU C 197 -19.95 -19.30 -9.40
C LEU C 197 -19.52 -20.46 -8.53
N GLY C 198 -20.44 -21.01 -7.73
CA GLY C 198 -20.10 -22.13 -6.87
C GLY C 198 -20.00 -23.46 -7.59
N LEU C 199 -20.65 -23.60 -8.74
CA LEU C 199 -20.62 -24.84 -9.50
C LEU C 199 -19.60 -24.83 -10.63
N SER C 200 -19.31 -23.66 -11.22
CA SER C 200 -18.30 -23.60 -12.26
C SER C 200 -16.89 -23.65 -11.69
N SER C 201 -16.71 -23.20 -10.45
CA SER C 201 -15.40 -23.31 -9.80
C SER C 201 -15.11 -24.71 -9.29
N GLN C 202 -16.15 -25.54 -9.11
CA GLN C 202 -15.95 -26.92 -8.69
C GLN C 202 -15.58 -27.83 -9.85
N ALA C 203 -15.83 -27.41 -11.09
CA ALA C 203 -15.40 -28.20 -12.24
C ALA C 203 -13.91 -28.06 -12.51
N VAL C 204 -13.33 -26.88 -12.22
CA VAL C 204 -11.89 -26.71 -12.37
C VAL C 204 -11.15 -27.58 -11.37
N LEU C 205 -11.65 -27.67 -10.14
CA LEU C 205 -10.96 -28.46 -9.11
C LEU C 205 -10.90 -29.93 -9.50
N TRP C 206 -12.00 -30.49 -9.99
CA TRP C 206 -12.07 -31.92 -10.26
C TRP C 206 -11.39 -32.32 -11.57
N LEU C 207 -11.09 -31.35 -12.44
CA LEU C 207 -10.26 -31.66 -13.61
C LEU C 207 -8.78 -31.76 -13.25
N ALA C 208 -8.33 -30.96 -12.27
CA ALA C 208 -6.95 -31.05 -11.83
C ALA C 208 -6.70 -32.25 -10.92
N LEU C 209 -7.72 -32.68 -10.17
CA LEU C 209 -7.55 -33.83 -9.29
C LEU C 209 -7.29 -35.10 -10.10
N ALA C 210 -7.96 -35.25 -11.24
CA ALA C 210 -7.82 -36.45 -12.05
C ALA C 210 -6.67 -36.38 -13.05
N LYS C 211 -6.02 -35.22 -13.18
CA LYS C 211 -4.95 -35.05 -14.14
C LYS C 211 -3.63 -34.57 -13.53
N SER C 212 -3.64 -34.04 -12.33
CA SER C 212 -2.41 -33.53 -11.73
C SER C 212 -1.47 -34.70 -11.40
N PRO C 213 -0.17 -34.55 -11.67
CA PRO C 213 0.78 -35.62 -11.30
C PRO C 213 0.87 -35.85 -9.81
N ALA C 214 0.58 -34.84 -8.99
CA ALA C 214 0.66 -34.99 -7.54
C ALA C 214 -0.50 -35.78 -6.94
N THR C 215 -1.56 -36.02 -7.72
CA THR C 215 -2.74 -36.72 -7.26
C THR C 215 -2.93 -38.06 -7.97
N ASN C 216 -1.92 -38.52 -8.71
CA ASN C 216 -2.06 -39.73 -9.52
C ASN C 216 -2.01 -41.01 -8.70
N PHE C 217 -1.75 -40.95 -7.40
CA PHE C 217 -1.81 -42.15 -6.59
C PHE C 217 -3.24 -42.63 -6.42
N LEU C 218 -4.17 -41.69 -6.27
CA LEU C 218 -5.59 -42.02 -6.34
C LEU C 218 -6.03 -42.02 -7.80
N HIS C 219 -7.09 -42.76 -8.08
CA HIS C 219 -7.56 -42.94 -9.46
C HIS C 219 -9.00 -42.43 -9.54
N ILE C 220 -9.14 -41.16 -9.91
CA ILE C 220 -10.43 -40.49 -10.00
C ILE C 220 -10.87 -40.50 -11.45
N THR C 221 -12.11 -40.89 -11.71
CA THR C 221 -12.59 -40.95 -13.08
C THR C 221 -12.72 -39.55 -13.66
N PRO C 222 -12.39 -39.36 -14.93
CA PRO C 222 -12.60 -38.05 -15.57
C PRO C 222 -14.06 -37.71 -15.78
N LEU C 223 -15.00 -38.58 -15.41
CA LEU C 223 -16.42 -38.34 -15.64
C LEU C 223 -17.05 -37.45 -14.59
N ILE C 224 -16.36 -37.18 -13.48
CA ILE C 224 -16.88 -36.23 -12.50
C ILE C 224 -16.86 -34.81 -13.07
N ASN C 225 -15.77 -34.44 -13.75
CA ASN C 225 -15.70 -33.12 -14.36
C ASN C 225 -16.74 -32.97 -15.47
N LEU C 226 -16.98 -34.05 -16.23
CA LEU C 226 -17.97 -33.99 -17.31
C LEU C 226 -19.36 -33.70 -16.77
N VAL C 227 -19.75 -34.39 -15.69
CA VAL C 227 -21.09 -34.21 -15.14
C VAL C 227 -21.25 -32.84 -14.52
N VAL C 228 -20.25 -32.40 -13.73
CA VAL C 228 -20.34 -31.09 -13.10
C VAL C 228 -20.30 -29.98 -14.14
N TRP C 229 -19.49 -30.16 -15.20
CA TRP C 229 -19.36 -29.13 -16.21
C TRP C 229 -20.66 -28.96 -17.00
N LEU C 230 -21.35 -30.06 -17.27
CA LEU C 230 -22.62 -29.97 -17.99
C LEU C 230 -23.72 -29.42 -17.09
N PHE C 231 -23.74 -29.84 -15.81
CA PHE C 231 -24.77 -29.36 -14.90
C PHE C 231 -24.64 -27.86 -14.66
N SER C 232 -23.41 -27.36 -14.48
CA SER C 232 -23.23 -25.94 -14.23
C SER C 232 -23.63 -25.09 -15.43
N LEU C 233 -23.44 -25.61 -16.65
CA LEU C 233 -23.82 -24.86 -17.83
C LEU C 233 -25.34 -24.70 -17.92
N VAL C 234 -26.09 -25.74 -17.56
CA VAL C 234 -27.55 -25.65 -17.62
C VAL C 234 -28.07 -24.59 -16.67
N VAL C 235 -27.51 -24.54 -15.45
CA VAL C 235 -27.99 -23.57 -14.47
C VAL C 235 -27.70 -22.14 -14.94
N LEU C 236 -26.54 -21.94 -15.58
CA LEU C 236 -26.19 -20.60 -16.05
C LEU C 236 -27.18 -20.11 -17.10
N VAL C 237 -27.61 -20.98 -18.00
CA VAL C 237 -28.54 -20.58 -19.05
C VAL C 237 -29.90 -20.22 -18.47
N SER C 238 -30.34 -20.96 -17.44
CA SER C 238 -31.65 -20.70 -16.85
C SER C 238 -31.65 -19.39 -16.08
N VAL C 239 -30.57 -19.10 -15.34
CA VAL C 239 -30.50 -17.86 -14.57
C VAL C 239 -30.38 -16.66 -15.51
N SER C 240 -29.58 -16.80 -16.57
CA SER C 240 -29.39 -15.68 -17.51
C SER C 240 -30.68 -15.34 -18.24
N PHE C 241 -31.44 -16.37 -18.65
CA PHE C 241 -32.67 -16.11 -19.41
C PHE C 241 -33.74 -15.47 -18.53
N THR C 242 -33.76 -15.76 -17.24
CA THR C 242 -34.78 -15.20 -16.36
C THR C 242 -34.50 -13.73 -16.05
N TYR C 243 -33.23 -13.35 -15.90
CA TYR C 243 -32.91 -11.96 -15.60
C TYR C 243 -33.12 -11.06 -16.81
N ILE C 244 -32.92 -11.58 -18.02
CA ILE C 244 -33.17 -10.78 -19.21
C ILE C 244 -34.65 -10.42 -19.33
N LEU C 245 -35.52 -11.35 -18.91
CA LEU C 245 -36.95 -11.06 -18.93
C LEU C 245 -37.31 -9.92 -17.98
N LYS C 246 -36.66 -9.88 -16.81
CA LYS C 246 -36.93 -8.82 -15.85
C LYS C 246 -36.55 -7.45 -16.41
N CYS C 247 -35.43 -7.38 -17.12
CA CYS C 247 -35.01 -6.11 -17.72
C CYS C 247 -36.00 -5.63 -18.78
N ILE C 248 -36.65 -6.56 -19.48
CA ILE C 248 -37.59 -6.18 -20.52
C ILE C 248 -38.93 -5.72 -19.97
N PHE C 249 -39.27 -6.13 -18.75
CA PHE C 249 -40.54 -5.76 -18.13
C PHE C 249 -40.40 -4.89 -16.90
N TYR C 250 -39.32 -5.04 -16.12
CA TYR C 250 -39.09 -4.24 -14.92
C TYR C 250 -37.67 -3.67 -14.99
N PHE C 251 -37.52 -2.55 -15.68
CA PHE C 251 -36.22 -1.91 -15.81
C PHE C 251 -35.92 -0.92 -14.69
N GLU C 252 -36.95 -0.43 -13.99
CA GLU C 252 -36.70 0.47 -12.87
C GLU C 252 -36.11 -0.27 -11.68
N ALA C 253 -36.48 -1.54 -11.48
CA ALA C 253 -35.92 -2.32 -10.39
C ALA C 253 -34.48 -2.74 -10.69
N VAL C 254 -34.15 -2.93 -11.96
CA VAL C 254 -32.78 -3.28 -12.32
C VAL C 254 -31.83 -2.12 -12.05
N LYS C 255 -32.29 -0.89 -12.31
CA LYS C 255 -31.46 0.28 -12.04
C LYS C 255 -31.26 0.48 -10.54
N ARG C 256 -32.23 0.07 -9.72
CA ARG C 256 -32.08 0.19 -8.27
C ARG C 256 -30.97 -0.73 -7.77
N GLU C 257 -30.85 -1.93 -8.35
CA GLU C 257 -29.79 -2.85 -7.94
C GLU C 257 -28.43 -2.40 -8.45
N TYR C 258 -28.38 -1.73 -9.61
CA TYR C 258 -27.11 -1.24 -10.11
C TYR C 258 -26.49 -0.21 -9.17
N PHE C 259 -27.32 0.63 -8.56
CA PHE C 259 -26.85 1.69 -7.68
C PHE C 259 -26.73 1.24 -6.23
N HIS C 260 -27.12 0.01 -5.92
CA HIS C 260 -26.92 -0.52 -4.57
C HIS C 260 -25.43 -0.78 -4.35
N PRO C 261 -24.84 -0.26 -3.27
CA PRO C 261 -23.38 -0.34 -3.11
C PRO C 261 -22.84 -1.76 -3.06
N VAL C 262 -23.66 -2.74 -2.67
CA VAL C 262 -23.20 -4.12 -2.55
C VAL C 262 -23.57 -4.95 -3.79
N ARG C 263 -24.78 -4.77 -4.30
CA ARG C 263 -25.23 -5.57 -5.44
C ARG C 263 -24.58 -5.15 -6.76
N VAL C 264 -23.87 -4.02 -6.78
CA VAL C 264 -23.25 -3.57 -8.02
C VAL C 264 -22.17 -4.54 -8.47
N ASN C 265 -21.44 -5.12 -7.51
CA ASN C 265 -20.33 -6.03 -7.85
C ASN C 265 -20.81 -7.34 -8.45
N PHE C 266 -22.09 -7.66 -8.36
CA PHE C 266 -22.63 -8.89 -8.94
C PHE C 266 -22.98 -8.75 -10.42
N PHE C 267 -22.78 -7.56 -11.01
CA PHE C 267 -22.88 -7.41 -12.45
C PHE C 267 -21.61 -7.85 -13.17
N PHE C 268 -20.56 -8.20 -12.43
CA PHE C 268 -19.32 -8.72 -13.02
C PHE C 268 -19.30 -10.24 -13.07
N ALA C 269 -20.12 -10.89 -12.26
CA ALA C 269 -20.12 -12.34 -12.08
C ALA C 269 -20.64 -13.11 -13.30
N PRO C 270 -21.50 -12.53 -14.14
CA PRO C 270 -21.93 -13.27 -15.34
C PRO C 270 -20.81 -13.63 -16.30
N TRP C 271 -19.71 -12.88 -16.29
CA TRP C 271 -18.60 -13.17 -17.22
C TRP C 271 -17.50 -13.99 -16.58
N VAL C 272 -17.38 -13.99 -15.26
CA VAL C 272 -16.36 -14.80 -14.59
C VAL C 272 -16.77 -16.26 -14.61
N VAL C 273 -18.08 -16.53 -14.65
CA VAL C 273 -18.58 -17.90 -14.74
C VAL C 273 -18.31 -18.48 -16.12
N CYS C 274 -18.25 -17.64 -17.15
CA CYS C 274 -18.02 -18.11 -18.51
C CYS C 274 -16.53 -18.35 -18.77
N MET C 275 -15.67 -17.66 -18.04
CA MET C 275 -14.22 -17.86 -18.20
C MET C 275 -13.75 -19.10 -17.45
N PHE C 276 -14.38 -19.40 -16.31
CA PHE C 276 -14.08 -20.64 -15.60
C PHE C 276 -14.53 -21.87 -16.39
N LEU C 277 -15.64 -21.76 -17.12
CA LEU C 277 -16.13 -22.86 -17.94
C LEU C 277 -15.31 -23.09 -19.20
N ALA C 278 -14.59 -22.08 -19.66
CA ALA C 278 -13.74 -22.20 -20.84
C ALA C 278 -12.34 -22.70 -20.54
N ILE C 279 -11.84 -22.50 -19.32
CA ILE C 279 -10.57 -23.08 -18.91
C ILE C 279 -10.77 -24.44 -18.27
N SER C 280 -11.97 -25.00 -18.41
CA SER C 280 -12.27 -26.28 -17.77
C SER C 280 -13.00 -27.26 -18.69
N VAL C 281 -13.06 -26.98 -19.98
CA VAL C 281 -13.81 -27.80 -20.94
C VAL C 281 -13.39 -29.27 -20.85
N PRO C 282 -14.33 -30.20 -20.81
CA PRO C 282 -13.98 -31.62 -20.69
C PRO C 282 -13.18 -32.09 -21.89
N PRO C 283 -12.06 -32.78 -21.66
CA PRO C 283 -11.22 -33.21 -22.79
C PRO C 283 -11.99 -33.86 -23.93
N MET C 284 -13.04 -34.61 -23.62
CA MET C 284 -13.82 -35.27 -24.67
C MET C 284 -14.29 -34.29 -25.73
N PHE C 285 -14.63 -33.07 -25.33
CA PHE C 285 -15.15 -32.06 -26.24
C PHE C 285 -14.06 -31.14 -26.77
N SER C 286 -12.80 -31.41 -26.46
CA SER C 286 -11.80 -30.43 -26.89
C SER C 286 -11.11 -30.88 -28.17
N PRO C 287 -10.81 -29.95 -29.06
CA PRO C 287 -10.08 -30.30 -30.28
C PRO C 287 -8.62 -30.63 -29.98
N ASN C 288 -8.05 -31.49 -30.83
CA ASN C 288 -6.65 -31.93 -30.66
C ASN C 288 -5.72 -30.85 -31.19
N ARG C 289 -5.71 -29.72 -30.47
CA ARG C 289 -4.82 -28.61 -30.77
C ARG C 289 -4.24 -28.07 -29.47
N LYS C 290 -3.09 -27.39 -29.60
CA LYS C 290 -2.40 -26.88 -28.43
C LYS C 290 -3.07 -25.66 -27.83
N TYR C 291 -3.75 -24.85 -28.64
CA TYR C 291 -4.31 -23.58 -28.20
C TYR C 291 -5.77 -23.49 -28.61
N LEU C 292 -6.51 -22.66 -27.89
CA LEU C 292 -7.89 -22.33 -28.22
C LEU C 292 -7.93 -21.14 -29.16
N HIS C 293 -9.09 -20.95 -29.78
CA HIS C 293 -9.24 -19.85 -30.73
C HIS C 293 -9.26 -18.52 -29.99
N PRO C 294 -8.52 -17.51 -30.45
CA PRO C 294 -8.48 -16.23 -29.71
C PRO C 294 -9.83 -15.53 -29.61
N ALA C 295 -10.79 -15.86 -30.48
CA ALA C 295 -12.08 -15.19 -30.45
C ALA C 295 -12.86 -15.49 -29.17
N ILE C 296 -12.56 -16.59 -28.50
CA ILE C 296 -13.24 -16.90 -27.24
C ILE C 296 -12.87 -15.89 -26.17
N TRP C 297 -11.59 -15.50 -26.11
CA TRP C 297 -11.15 -14.53 -25.12
C TRP C 297 -11.80 -13.16 -25.36
N CYS C 298 -11.93 -12.76 -26.63
CA CYS C 298 -12.47 -11.43 -26.93
C CYS C 298 -13.94 -11.33 -26.58
N VAL C 299 -14.69 -12.42 -26.69
CA VAL C 299 -16.13 -12.35 -26.49
C VAL C 299 -16.48 -12.33 -25.00
N PHE C 300 -15.63 -12.88 -24.14
CA PHE C 300 -15.92 -12.95 -22.72
C PHE C 300 -15.20 -11.89 -21.89
N MET C 301 -14.01 -11.46 -22.32
CA MET C 301 -13.28 -10.43 -21.60
C MET C 301 -13.55 -9.03 -22.13
N GLY C 302 -14.27 -8.90 -23.23
CA GLY C 302 -14.60 -7.61 -23.78
C GLY C 302 -15.54 -6.82 -22.89
N PRO C 303 -16.70 -7.37 -22.62
CA PRO C 303 -17.64 -6.68 -21.71
C PRO C 303 -17.08 -6.44 -20.32
N TYR C 304 -16.25 -7.36 -19.81
CA TYR C 304 -15.68 -7.17 -18.48
C TYR C 304 -14.74 -5.96 -18.44
N PHE C 305 -13.90 -5.80 -19.47
CA PHE C 305 -12.99 -4.67 -19.50
C PHE C 305 -13.74 -3.35 -19.63
N PHE C 306 -14.81 -3.33 -20.43
CA PHE C 306 -15.58 -2.11 -20.60
C PHE C 306 -16.20 -1.66 -19.28
N LEU C 307 -16.76 -2.61 -18.52
CA LEU C 307 -17.40 -2.25 -17.25
C LEU C 307 -16.39 -1.72 -16.24
N GLU C 308 -15.22 -2.34 -16.16
CA GLU C 308 -14.24 -1.93 -15.16
C GLU C 308 -13.55 -0.62 -15.52
N LEU C 309 -13.55 -0.23 -16.80
CA LEU C 309 -13.01 1.07 -17.18
C LEU C 309 -13.84 2.20 -16.56
N LYS C 310 -15.16 2.08 -16.59
CA LYS C 310 -16.02 3.11 -16.03
C LYS C 310 -15.93 3.14 -14.50
N ILE C 311 -15.96 1.96 -13.87
CA ILE C 311 -15.99 1.91 -12.41
C ILE C 311 -14.68 2.42 -11.82
N TYR C 312 -13.55 2.00 -12.38
CA TYR C 312 -12.26 2.41 -11.84
C TYR C 312 -12.06 3.92 -11.96
N GLY C 313 -12.55 4.51 -13.04
CA GLY C 313 -12.46 5.96 -13.18
C GLY C 313 -13.18 6.71 -12.08
N GLN C 314 -14.35 6.19 -11.66
CA GLN C 314 -15.10 6.83 -10.58
C GLN C 314 -14.38 6.73 -9.25
N TRP C 315 -13.64 5.64 -9.02
CA TRP C 315 -12.96 5.46 -7.74
C TRP C 315 -11.92 6.54 -7.50
N LEU C 316 -11.16 6.89 -8.54
CA LEU C 316 -10.05 7.83 -8.40
C LEU C 316 -10.49 9.29 -8.50
N SER C 317 -11.77 9.56 -8.75
CA SER C 317 -12.27 10.91 -8.86
C SER C 317 -12.87 11.36 -7.54
N GLY C 318 -13.43 12.57 -7.54
CA GLY C 318 -14.01 13.14 -6.35
C GLY C 318 -15.53 13.24 -6.41
N GLY C 319 -16.17 12.22 -6.95
CA GLY C 319 -17.61 12.20 -7.11
C GLY C 319 -18.34 11.56 -5.95
N LYS C 320 -19.60 11.25 -6.18
CA LYS C 320 -20.45 10.63 -5.17
C LYS C 320 -20.23 9.13 -5.02
N ARG C 321 -19.53 8.49 -5.95
CA ARG C 321 -19.34 7.05 -5.95
C ARG C 321 -17.86 6.69 -5.91
N ARG C 322 -17.09 7.40 -5.11
CA ARG C 322 -15.69 7.07 -4.92
C ARG C 322 -15.53 5.95 -3.89
N LEU C 323 -14.41 5.22 -4.01
CA LEU C 323 -14.20 4.02 -3.20
C LEU C 323 -14.40 4.29 -1.71
N CYS C 324 -13.89 5.41 -1.20
CA CYS C 324 -14.06 5.72 0.22
C CYS C 324 -15.52 5.89 0.62
N LYS C 325 -16.44 6.02 -0.34
CA LYS C 325 -17.86 6.14 -0.04
C LYS C 325 -18.65 4.85 -0.22
N VAL C 326 -18.08 3.84 -0.89
CA VAL C 326 -18.84 2.64 -1.23
C VAL C 326 -18.09 1.38 -0.87
N ALA C 327 -16.79 1.50 -0.60
CA ALA C 327 -15.94 0.33 -0.42
C ALA C 327 -16.50 -0.59 0.65
N ASN C 328 -16.75 -1.84 0.27
CA ASN C 328 -17.27 -2.87 1.17
C ASN C 328 -16.53 -4.17 0.94
N PRO C 329 -16.77 -5.21 1.76
CA PRO C 329 -16.06 -6.47 1.56
C PRO C 329 -16.34 -7.12 0.21
N SER C 330 -17.52 -6.87 -0.38
CA SER C 330 -17.88 -7.46 -1.66
C SER C 330 -17.22 -6.75 -2.84
N SER C 331 -16.53 -5.63 -2.61
CA SER C 331 -15.84 -4.91 -3.68
C SER C 331 -14.69 -5.70 -4.27
N HIS C 332 -14.43 -6.91 -3.80
CA HIS C 332 -13.33 -7.72 -4.31
C HIS C 332 -13.71 -8.49 -5.57
N LEU C 333 -14.99 -8.53 -5.94
CA LEU C 333 -15.42 -9.25 -7.13
C LEU C 333 -15.08 -8.51 -8.42
N SER C 334 -14.81 -7.21 -8.35
CA SER C 334 -14.45 -6.42 -9.51
C SER C 334 -12.95 -6.42 -9.79
N VAL C 335 -12.17 -7.15 -9.01
CA VAL C 335 -10.73 -7.25 -9.20
C VAL C 335 -10.31 -8.66 -9.59
N VAL C 336 -10.98 -9.68 -9.03
CA VAL C 336 -10.58 -11.07 -9.25
C VAL C 336 -10.68 -11.45 -10.72
N GLY C 337 -11.53 -10.77 -11.49
CA GLY C 337 -11.71 -11.12 -12.89
C GLY C 337 -10.55 -10.75 -13.79
N ASN C 338 -9.62 -9.92 -13.30
CA ASN C 338 -8.43 -9.62 -14.08
C ASN C 338 -7.47 -10.79 -14.12
N PHE C 339 -7.34 -11.51 -13.00
CA PHE C 339 -6.44 -12.65 -12.93
C PHE C 339 -7.02 -13.88 -13.63
N VAL C 340 -8.34 -14.05 -13.59
CA VAL C 340 -8.97 -15.18 -14.27
C VAL C 340 -8.84 -15.03 -15.78
N GLY C 341 -8.95 -13.80 -16.28
CA GLY C 341 -8.78 -13.57 -17.71
C GLY C 341 -7.34 -13.68 -18.19
N ALA C 342 -6.37 -13.51 -17.29
CA ALA C 342 -4.98 -13.69 -17.67
C ALA C 342 -4.69 -15.16 -18.00
N ILE C 343 -5.29 -16.08 -17.26
CA ILE C 343 -5.11 -17.51 -17.56
C ILE C 343 -5.68 -17.83 -18.94
N LEU C 344 -6.86 -17.28 -19.25
CA LEU C 344 -7.48 -17.56 -20.55
C LEU C 344 -6.64 -17.01 -21.69
N ALA C 345 -6.02 -15.85 -21.49
CA ALA C 345 -5.19 -15.26 -22.54
C ALA C 345 -3.99 -16.16 -22.85
N SER C 346 -3.37 -16.73 -21.83
CA SER C 346 -2.24 -17.62 -22.07
C SER C 346 -2.66 -18.85 -22.86
N LYS C 347 -3.84 -19.41 -22.55
CA LYS C 347 -4.30 -20.61 -23.22
C LYS C 347 -4.65 -20.37 -24.69
N VAL C 348 -4.74 -19.13 -25.14
CA VAL C 348 -4.97 -18.81 -26.54
C VAL C 348 -3.71 -18.36 -27.26
N GLY C 349 -2.57 -18.32 -26.57
CA GLY C 349 -1.31 -17.98 -27.19
C GLY C 349 -0.89 -16.53 -27.09
N TRP C 350 -1.54 -15.74 -26.24
CA TRP C 350 -1.24 -14.31 -26.10
C TRP C 350 -0.69 -14.09 -24.69
N ASP C 351 0.63 -14.27 -24.56
CA ASP C 351 1.26 -14.14 -23.25
C ASP C 351 1.46 -12.68 -22.85
N GLU C 352 1.71 -11.80 -23.82
CA GLU C 352 1.90 -10.39 -23.49
C GLU C 352 0.60 -9.74 -22.99
N VAL C 353 -0.54 -10.16 -23.56
CA VAL C 353 -1.82 -9.65 -23.08
C VAL C 353 -2.08 -10.11 -21.66
N ALA C 354 -1.69 -11.35 -21.33
CA ALA C 354 -1.88 -11.84 -19.96
C ALA C 354 -1.06 -11.02 -18.97
N LYS C 355 0.16 -10.64 -19.34
CA LYS C 355 1.00 -9.84 -18.44
C LYS C 355 0.37 -8.47 -18.17
N PHE C 356 -0.25 -7.87 -19.20
CA PHE C 356 -0.90 -6.58 -19.00
C PHE C 356 -2.08 -6.68 -18.03
N LEU C 357 -2.87 -7.76 -18.14
CA LEU C 357 -4.01 -7.91 -17.26
C LEU C 357 -3.59 -8.23 -15.83
N TRP C 358 -2.41 -8.84 -15.65
CA TRP C 358 -1.92 -9.11 -14.30
C TRP C 358 -1.49 -7.82 -13.60
N ALA C 359 -0.87 -6.89 -14.33
CA ALA C 359 -0.44 -5.63 -13.72
C ALA C 359 -1.63 -4.78 -13.29
N VAL C 360 -2.72 -4.79 -14.06
CA VAL C 360 -3.88 -3.97 -13.70
C VAL C 360 -4.59 -4.54 -12.47
N GLY C 361 -4.75 -5.85 -12.41
CA GLY C 361 -5.35 -6.47 -11.25
C GLY C 361 -4.54 -6.29 -9.99
N PHE C 362 -3.22 -6.24 -10.12
CA PHE C 362 -2.34 -6.03 -8.96
C PHE C 362 -2.41 -4.61 -8.41
N ALA C 363 -2.61 -3.61 -9.27
CA ALA C 363 -2.68 -2.23 -8.77
C ALA C 363 -3.99 -1.93 -8.04
N HIS C 364 -5.09 -2.59 -8.41
CA HIS C 364 -6.37 -2.34 -7.79
C HIS C 364 -6.66 -3.21 -6.57
N TYR C 365 -5.91 -4.29 -6.38
CA TYR C 365 -6.07 -5.12 -5.19
C TYR C 365 -5.41 -4.51 -3.96
N LEU C 366 -4.25 -3.87 -4.13
CA LEU C 366 -3.61 -3.18 -3.03
C LEU C 366 -4.38 -1.92 -2.60
N VAL C 367 -5.00 -1.22 -3.54
CA VAL C 367 -5.84 -0.10 -3.16
C VAL C 367 -7.05 -0.57 -2.37
N VAL C 368 -7.69 -1.65 -2.82
CA VAL C 368 -8.86 -2.17 -2.13
C VAL C 368 -8.47 -2.90 -0.84
N PHE C 369 -7.27 -3.46 -0.77
CA PHE C 369 -6.84 -4.15 0.45
C PHE C 369 -6.44 -3.18 1.56
N VAL C 370 -5.71 -2.11 1.23
CA VAL C 370 -5.36 -1.11 2.23
C VAL C 370 -6.52 -0.18 2.57
N THR C 371 -7.48 -0.02 1.66
CA THR C 371 -8.60 0.88 1.94
C THR C 371 -9.59 0.30 2.94
N LEU C 372 -9.59 -1.02 3.14
CA LEU C 372 -10.53 -1.65 4.06
C LEU C 372 -10.08 -1.58 5.51
N TYR C 373 -8.92 -0.99 5.79
CA TYR C 373 -8.44 -0.82 7.16
C TYR C 373 -8.62 0.60 7.68
N GLN C 374 -9.25 1.48 6.90
CA GLN C 374 -9.41 2.88 7.27
C GLN C 374 -10.80 3.12 7.85
N ARG C 375 -11.08 4.39 8.13
CA ARG C 375 -12.37 4.79 8.70
C ARG C 375 -13.33 5.12 7.56
N LEU C 376 -14.43 4.39 7.49
CA LEU C 376 -15.36 4.53 6.37
C LEU C 376 -16.78 4.75 6.89
N PRO C 377 -17.75 4.98 5.99
CA PRO C 377 -19.15 5.08 6.41
C PRO C 377 -19.55 4.01 7.41
N THR C 378 -20.28 4.41 8.46
CA THR C 378 -20.70 3.48 9.49
C THR C 378 -21.94 2.73 9.05
N SER C 379 -21.91 1.41 9.15
CA SER C 379 -23.02 0.55 8.73
C SER C 379 -22.69 -0.88 9.20
N GLU C 380 -23.53 -1.82 8.81
CA GLU C 380 -23.38 -3.21 9.20
C GLU C 380 -22.66 -4.05 8.16
N ALA C 381 -22.14 -3.40 7.10
CA ALA C 381 -21.42 -4.14 6.06
C ALA C 381 -20.09 -4.72 6.57
N LEU C 382 -19.62 -4.29 7.74
CA LEU C 382 -18.41 -4.82 8.35
C LEU C 382 -18.77 -5.45 9.68
N PRO C 383 -19.01 -6.76 9.72
CA PRO C 383 -19.40 -7.40 10.99
C PRO C 383 -18.36 -7.17 12.07
N LYS C 384 -18.85 -6.98 13.30
CA LYS C 384 -17.95 -6.75 14.43
C LYS C 384 -17.11 -7.98 14.76
N GLU C 385 -17.46 -9.15 14.24
CA GLU C 385 -16.72 -10.38 14.47
C GLU C 385 -16.44 -11.04 13.13
N LEU C 386 -15.58 -12.06 13.15
CA LEU C 386 -15.27 -12.81 11.94
C LEU C 386 -16.51 -13.53 11.45
N HIS C 387 -16.89 -13.28 10.20
CA HIS C 387 -18.12 -13.80 9.62
C HIS C 387 -17.82 -14.26 8.20
N PRO C 388 -18.56 -15.25 7.69
CA PRO C 388 -18.20 -15.88 6.42
C PRO C 388 -17.97 -14.91 5.25
N VAL C 389 -18.43 -13.66 5.39
CA VAL C 389 -18.28 -12.70 4.31
C VAL C 389 -16.82 -12.32 4.08
N TYR C 390 -15.95 -12.53 5.07
CA TYR C 390 -14.55 -12.18 4.94
C TYR C 390 -13.78 -13.15 4.04
N SER C 391 -14.41 -14.25 3.61
CA SER C 391 -13.77 -15.18 2.70
C SER C 391 -13.50 -14.57 1.32
N MET C 392 -14.11 -13.43 1.01
CA MET C 392 -13.88 -12.76 -0.26
C MET C 392 -12.47 -12.18 -0.37
N PHE C 393 -11.71 -12.14 0.72
CA PHE C 393 -10.35 -11.62 0.71
C PHE C 393 -9.33 -12.65 0.25
N ILE C 394 -9.75 -13.87 -0.04
CA ILE C 394 -8.82 -14.94 -0.42
C ILE C 394 -8.79 -15.19 -1.92
N ALA C 395 -9.85 -14.81 -2.65
CA ALA C 395 -9.95 -15.17 -4.05
C ALA C 395 -8.83 -14.55 -4.88
N ALA C 396 -8.56 -13.26 -4.65
CA ALA C 396 -7.57 -12.56 -5.46
C ALA C 396 -6.16 -13.14 -5.30
N PRO C 397 -5.63 -13.32 -4.09
CA PRO C 397 -4.26 -13.85 -3.97
C PRO C 397 -4.12 -15.24 -4.56
N SER C 398 -5.13 -16.09 -4.42
CA SER C 398 -5.04 -17.45 -4.94
C SER C 398 -4.99 -17.47 -6.47
N ALA C 399 -5.82 -16.63 -7.11
CA ALA C 399 -5.83 -16.60 -8.57
C ALA C 399 -4.56 -15.97 -9.13
N ALA C 400 -3.98 -15.00 -8.44
CA ALA C 400 -2.74 -14.39 -8.90
C ALA C 400 -1.60 -15.41 -8.93
N SER C 401 -1.51 -16.25 -7.90
CA SER C 401 -0.48 -17.29 -7.88
C SER C 401 -0.68 -18.30 -9.01
N ILE C 402 -1.93 -18.71 -9.26
CA ILE C 402 -2.19 -19.64 -10.35
C ILE C 402 -1.89 -18.99 -11.70
N ALA C 403 -2.22 -17.72 -11.85
CA ALA C 403 -2.02 -17.05 -13.13
C ALA C 403 -0.55 -16.76 -13.39
N TRP C 404 0.23 -16.53 -12.33
CA TRP C 404 1.66 -16.27 -12.50
C TRP C 404 2.41 -17.53 -12.93
N ASN C 405 2.02 -18.69 -12.40
CA ASN C 405 2.69 -19.93 -12.76
C ASN C 405 2.42 -20.34 -14.21
N THR C 406 1.31 -19.88 -14.78
CA THR C 406 0.99 -20.23 -16.17
C THR C 406 1.71 -19.33 -17.16
N ILE C 407 2.08 -18.12 -16.76
CA ILE C 407 2.77 -17.22 -17.68
C ILE C 407 4.26 -17.53 -17.74
N TYR C 408 4.86 -18.02 -16.66
CA TYR C 408 6.30 -18.21 -16.59
C TYR C 408 6.73 -19.66 -16.48
N GLY C 409 5.81 -20.59 -16.27
CA GLY C 409 6.13 -22.00 -16.24
C GLY C 409 6.60 -22.57 -14.92
N GLN C 410 6.87 -21.75 -13.90
CA GLN C 410 7.41 -22.26 -12.66
C GLN C 410 6.82 -21.52 -11.47
N PHE C 411 6.72 -22.26 -10.35
CA PHE C 411 6.23 -21.71 -9.08
C PHE C 411 7.43 -21.12 -8.34
N ASP C 412 7.64 -19.83 -8.53
CA ASP C 412 8.82 -19.14 -8.06
C ASP C 412 8.47 -18.31 -6.80
N GLY C 413 9.30 -17.32 -6.51
CA GLY C 413 9.14 -16.52 -5.29
C GLY C 413 7.97 -15.56 -5.33
N CYS C 414 7.36 -15.36 -6.51
CA CYS C 414 6.17 -14.53 -6.61
C CYS C 414 4.89 -15.33 -6.36
N SER C 415 4.79 -16.51 -6.96
CA SER C 415 3.61 -17.35 -6.73
C SER C 415 3.56 -17.87 -5.30
N ARG C 416 4.73 -18.14 -4.71
CA ARG C 416 4.78 -18.61 -3.32
C ARG C 416 4.37 -17.53 -2.34
N THR C 417 4.65 -16.26 -2.64
CA THR C 417 4.19 -15.19 -1.76
C THR C 417 2.69 -14.99 -1.87
N CYS C 418 2.15 -14.98 -3.09
CA CYS C 418 0.71 -14.88 -3.27
C CYS C 418 0.00 -16.06 -2.61
N PHE C 419 0.49 -17.27 -2.86
CA PHE C 419 -0.12 -18.45 -2.24
C PHE C 419 -0.02 -18.43 -0.73
N PHE C 420 1.08 -17.93 -0.18
CA PHE C 420 1.26 -17.95 1.26
C PHE C 420 0.50 -16.84 1.99
N ILE C 421 0.08 -15.79 1.27
CA ILE C 421 -0.77 -14.78 1.89
C ILE C 421 -2.21 -15.28 1.98
N ALA C 422 -2.69 -15.94 0.93
CA ALA C 422 -4.06 -16.47 0.95
C ALA C 422 -4.21 -17.62 1.94
N LEU C 423 -3.14 -18.36 2.19
CA LEU C 423 -3.22 -19.48 3.12
C LEU C 423 -3.32 -19.01 4.57
N PHE C 424 -2.67 -17.90 4.91
CA PHE C 424 -2.78 -17.36 6.26
C PHE C 424 -4.22 -16.93 6.55
N LEU C 425 -4.86 -16.26 5.59
CA LEU C 425 -6.25 -15.84 5.77
C LEU C 425 -7.19 -17.04 5.89
N TYR C 426 -6.89 -18.14 5.18
CA TYR C 426 -7.73 -19.32 5.26
C TYR C 426 -7.76 -19.89 6.68
N ILE C 427 -6.60 -19.93 7.35
CA ILE C 427 -6.54 -20.47 8.69
C ILE C 427 -7.31 -19.59 9.67
N SER C 428 -7.14 -18.28 9.58
CA SER C 428 -7.78 -17.37 10.52
C SER C 428 -9.30 -17.47 10.47
N LEU C 429 -9.86 -17.75 9.29
CA LEU C 429 -11.30 -17.78 9.12
C LEU C 429 -11.91 -19.16 9.30
N VAL C 430 -11.12 -20.22 9.11
CA VAL C 430 -11.66 -21.58 9.12
C VAL C 430 -11.16 -22.40 10.32
N ALA C 431 -10.10 -21.97 11.00
CA ALA C 431 -9.52 -22.73 12.09
C ALA C 431 -10.18 -22.46 13.43
N ARG C 432 -11.40 -21.93 13.42
CA ARG C 432 -12.17 -21.70 14.64
C ARG C 432 -13.30 -22.73 14.73
N ILE C 433 -13.94 -22.75 15.90
CA ILE C 433 -15.03 -23.70 16.15
C ILE C 433 -16.41 -23.09 15.90
N ASN C 434 -16.54 -21.77 15.96
CA ASN C 434 -17.80 -21.12 15.66
C ASN C 434 -18.10 -21.05 14.17
N PHE C 435 -17.10 -21.29 13.32
CA PHE C 435 -17.34 -21.31 11.88
C PHE C 435 -18.29 -22.44 11.49
N PHE C 436 -18.29 -23.53 12.26
CA PHE C 436 -19.14 -24.68 11.99
C PHE C 436 -20.40 -24.70 12.86
N THR C 437 -20.26 -24.40 14.15
CA THR C 437 -21.44 -24.42 15.04
C THR C 437 -22.49 -23.41 14.59
N GLY C 438 -22.06 -22.22 14.21
CA GLY C 438 -22.98 -21.20 13.74
C GLY C 438 -23.07 -21.14 12.24
N PHE C 439 -24.10 -21.77 11.68
CA PHE C 439 -24.31 -21.82 10.23
C PHE C 439 -25.79 -21.69 9.93
N LYS C 440 -26.16 -20.67 9.17
CA LYS C 440 -27.53 -20.45 8.75
C LYS C 440 -27.60 -20.37 7.23
N PHE C 441 -28.64 -20.96 6.66
CA PHE C 441 -28.76 -21.02 5.22
C PHE C 441 -29.05 -19.64 4.63
N SER C 442 -28.40 -19.33 3.52
CA SER C 442 -28.66 -18.10 2.79
C SER C 442 -28.25 -18.30 1.34
N VAL C 443 -28.80 -17.46 0.47
CA VAL C 443 -28.42 -17.53 -0.94
C VAL C 443 -27.04 -16.93 -1.15
N ALA C 444 -26.57 -16.10 -0.22
CA ALA C 444 -25.21 -15.56 -0.31
C ALA C 444 -24.16 -16.57 0.07
N TRP C 445 -24.53 -17.65 0.77
CA TRP C 445 -23.57 -18.70 1.09
C TRP C 445 -22.95 -19.28 -0.17
N TRP C 446 -23.70 -19.29 -1.28
CA TRP C 446 -23.16 -19.79 -2.54
C TRP C 446 -22.01 -18.94 -3.06
N SER C 447 -21.89 -17.70 -2.58
CA SER C 447 -20.82 -16.80 -2.98
C SER C 447 -19.65 -16.79 -2.02
N TYR C 448 -19.71 -17.54 -0.92
CA TYR C 448 -18.60 -17.61 0.02
C TYR C 448 -17.79 -18.88 -0.14
N THR C 449 -18.21 -19.78 -1.03
CA THR C 449 -17.57 -21.07 -1.23
C THR C 449 -16.61 -21.05 -2.40
N PHE C 450 -16.88 -20.23 -3.40
CA PHE C 450 -16.01 -20.14 -4.57
C PHE C 450 -14.61 -19.65 -4.21
N PRO C 451 -14.42 -18.75 -3.24
CA PRO C 451 -13.04 -18.37 -2.87
C PRO C 451 -12.29 -19.46 -2.14
N MET C 452 -12.99 -20.46 -1.59
CA MET C 452 -12.39 -21.60 -0.92
C MET C 452 -12.01 -22.71 -1.89
N THR C 453 -12.83 -22.92 -2.93
CA THR C 453 -12.49 -23.87 -3.99
C THR C 453 -11.35 -23.37 -4.86
N THR C 454 -11.07 -22.07 -4.88
CA THR C 454 -9.94 -21.57 -5.66
C THR C 454 -8.63 -21.71 -4.90
N ALA C 455 -8.66 -21.50 -3.59
CA ALA C 455 -7.48 -21.75 -2.77
C ALA C 455 -7.05 -23.22 -2.83
N SER C 456 -7.98 -24.13 -3.10
CA SER C 456 -7.65 -25.53 -3.24
C SER C 456 -6.97 -25.83 -4.58
N VAL C 457 -7.28 -25.07 -5.62
CA VAL C 457 -6.63 -25.27 -6.90
C VAL C 457 -5.18 -24.82 -6.85
N ALA C 458 -4.88 -23.76 -6.10
CA ALA C 458 -3.51 -23.31 -5.95
C ALA C 458 -2.68 -24.22 -5.06
N THR C 459 -3.33 -24.99 -4.17
CA THR C 459 -2.59 -25.94 -3.35
C THR C 459 -2.15 -27.16 -4.12
N ILE C 460 -2.83 -27.51 -5.22
CA ILE C 460 -2.39 -28.63 -6.02
C ILE C 460 -1.26 -28.22 -6.96
N LYS C 461 -1.23 -26.96 -7.39
CA LYS C 461 -0.10 -26.47 -8.17
C LYS C 461 1.16 -26.39 -7.32
N TYR C 462 1.02 -26.00 -6.05
CA TYR C 462 2.17 -25.92 -5.16
C TYR C 462 2.73 -27.30 -4.84
N ALA C 463 1.87 -28.32 -4.75
CA ALA C 463 2.34 -29.67 -4.46
C ALA C 463 3.15 -30.25 -5.60
N GLU C 464 2.99 -29.74 -6.82
CA GLU C 464 3.79 -30.22 -7.94
C GLU C 464 5.20 -29.66 -7.90
N ALA C 465 5.35 -28.40 -7.48
CA ALA C 465 6.66 -27.78 -7.40
C ALA C 465 7.47 -28.29 -6.21
N VAL C 466 6.80 -28.79 -5.17
CA VAL C 466 7.47 -29.27 -3.96
C VAL C 466 6.94 -30.67 -3.65
N PRO C 467 7.41 -31.71 -4.34
CA PRO C 467 6.87 -33.05 -4.11
C PRO C 467 7.23 -33.57 -2.73
N GLY C 468 6.29 -34.29 -2.14
CA GLY C 468 6.49 -34.84 -0.82
C GLY C 468 5.16 -35.13 -0.15
N TYR C 469 5.27 -35.64 1.08
CA TYR C 469 4.10 -36.03 1.86
C TYR C 469 3.50 -34.83 2.60
N PRO C 470 4.33 -33.91 3.09
CA PRO C 470 3.77 -32.68 3.69
C PRO C 470 2.89 -31.89 2.75
N SER C 471 3.17 -31.91 1.45
CA SER C 471 2.37 -31.17 0.49
C SER C 471 1.17 -31.96 -0.01
N ARG C 472 1.28 -33.29 -0.08
CA ARG C 472 0.14 -34.10 -0.50
C ARG C 472 -1.00 -34.01 0.50
N ALA C 473 -0.68 -34.05 1.80
CA ALA C 473 -1.72 -33.96 2.82
C ALA C 473 -2.40 -32.60 2.81
N LEU C 474 -1.63 -31.53 2.62
CA LEU C 474 -2.21 -30.19 2.61
C LEU C 474 -3.20 -30.02 1.46
N ALA C 475 -2.86 -30.53 0.27
CA ALA C 475 -3.76 -30.41 -0.86
C ALA C 475 -5.05 -31.19 -0.64
N LEU C 476 -4.95 -32.40 -0.09
CA LEU C 476 -6.14 -33.22 0.13
C LEU C 476 -7.03 -32.62 1.20
N THR C 477 -6.45 -32.04 2.25
CA THR C 477 -7.24 -31.51 3.35
C THR C 477 -8.10 -30.33 2.91
N LEU C 478 -7.52 -29.40 2.14
CA LEU C 478 -8.29 -28.25 1.68
C LEU C 478 -9.35 -28.66 0.67
N SER C 479 -9.03 -29.61 -0.21
CA SER C 479 -10.00 -30.03 -1.22
C SER C 479 -11.21 -30.69 -0.57
N PHE C 480 -10.99 -31.51 0.45
CA PHE C 480 -12.10 -32.18 1.11
C PHE C 480 -13.06 -31.19 1.76
N ILE C 481 -12.53 -30.16 2.41
CA ILE C 481 -13.38 -29.21 3.12
C ILE C 481 -14.25 -28.43 2.14
N SER C 482 -13.66 -28.00 1.02
CA SER C 482 -14.41 -27.22 0.04
C SER C 482 -15.56 -28.04 -0.56
N THR C 483 -15.29 -29.31 -0.90
CA THR C 483 -16.33 -30.15 -1.48
C THR C 483 -17.45 -30.41 -0.49
N ALA C 484 -17.12 -30.62 0.78
CA ALA C 484 -18.15 -30.87 1.79
C ALA C 484 -19.04 -29.66 1.98
N MET C 485 -18.46 -28.46 2.00
CA MET C 485 -19.26 -27.25 2.17
C MET C 485 -20.25 -27.07 1.03
N VAL C 486 -19.92 -27.55 -0.17
CA VAL C 486 -20.82 -27.39 -1.31
C VAL C 486 -21.92 -28.45 -1.30
N CYS C 487 -21.66 -29.61 -0.70
CA CYS C 487 -22.69 -30.64 -0.63
C CYS C 487 -23.80 -30.27 0.34
N VAL C 488 -23.45 -29.60 1.45
CA VAL C 488 -24.46 -29.16 2.40
C VAL C 488 -25.39 -28.14 1.76
N LEU C 489 -24.81 -27.18 1.04
CA LEU C 489 -25.64 -26.15 0.40
C LEU C 489 -26.54 -26.75 -0.67
N PHE C 490 -26.11 -27.83 -1.32
CA PHE C 490 -26.92 -28.44 -2.36
C PHE C 490 -28.19 -29.05 -1.81
N VAL C 491 -28.07 -29.78 -0.69
CA VAL C 491 -29.24 -30.45 -0.12
C VAL C 491 -30.18 -29.42 0.49
N SER C 492 -29.64 -28.45 1.24
CA SER C 492 -30.49 -27.47 1.90
C SER C 492 -31.22 -26.58 0.90
N THR C 493 -30.63 -26.34 -0.27
CA THR C 493 -31.28 -25.50 -1.26
C THR C 493 -32.52 -26.18 -1.84
N LEU C 494 -32.47 -27.50 -2.02
CA LEU C 494 -33.62 -28.22 -2.56
C LEU C 494 -34.72 -28.38 -1.51
N LEU C 495 -34.35 -28.56 -0.25
CA LEU C 495 -35.36 -28.70 0.80
C LEU C 495 -36.21 -27.44 0.92
N HIS C 496 -35.56 -26.27 0.88
CA HIS C 496 -36.31 -25.02 0.98
C HIS C 496 -37.24 -24.82 -0.22
N ALA C 497 -36.79 -25.23 -1.40
CA ALA C 497 -37.57 -24.96 -2.62
C ALA C 497 -38.81 -25.84 -2.70
N PHE C 498 -38.68 -27.12 -2.41
CA PHE C 498 -39.77 -28.08 -2.62
C PHE C 498 -40.27 -28.72 -1.33
N VAL C 499 -39.76 -28.29 -0.17
CA VAL C 499 -40.25 -28.83 1.11
C VAL C 499 -40.72 -27.74 2.07
N TRP C 500 -40.25 -26.50 1.94
CA TRP C 500 -40.69 -25.41 2.80
C TRP C 500 -41.18 -24.19 2.07
N GLN C 501 -40.85 -24.02 0.79
CA GLN C 501 -41.37 -22.93 -0.04
C GLN C 501 -41.10 -21.57 0.61
N THR C 502 -39.82 -21.32 0.88
CA THR C 502 -39.39 -20.06 1.48
C THR C 502 -38.10 -19.54 0.83
N LEU C 503 -37.91 -19.82 -0.46
CA LEU C 503 -36.67 -19.48 -1.14
C LEU C 503 -36.72 -18.17 -1.91
N PHE C 504 -37.92 -17.65 -2.21
CA PHE C 504 -38.08 -16.41 -2.96
C PHE C 504 -39.04 -15.49 -2.22
N PRO C 505 -38.62 -14.91 -1.10
CA PRO C 505 -39.45 -13.93 -0.41
C PRO C 505 -39.42 -12.58 -1.12
N ASN C 506 -40.26 -11.68 -0.64
CA ASN C 506 -40.31 -10.32 -1.19
C ASN C 506 -39.00 -9.60 -0.91
N ASP C 507 -38.55 -8.80 -1.89
CA ASP C 507 -37.29 -8.07 -1.80
C ASP C 507 -37.62 -6.62 -1.42
N LEU C 508 -37.70 -6.36 -0.12
CA LEU C 508 -38.07 -5.04 0.37
C LEU C 508 -36.93 -4.04 0.34
N ALA C 509 -35.69 -4.49 0.15
CA ALA C 509 -34.54 -3.59 0.15
C ALA C 509 -34.50 -2.66 -1.06
N ILE C 510 -35.33 -2.91 -2.08
CA ILE C 510 -35.33 -2.10 -3.29
C ILE C 510 -36.50 -1.12 -3.31
N ALA C 511 -37.29 -1.04 -2.24
CA ALA C 511 -38.46 -0.18 -2.18
C ALA C 511 -38.30 0.95 -1.17
N ILE C 512 -37.07 1.22 -0.73
CA ILE C 512 -36.85 2.26 0.27
C ILE C 512 -37.11 3.63 -0.35
N THR C 513 -37.59 4.56 0.47
CA THR C 513 -37.82 5.93 0.01
C THR C 513 -36.49 6.66 -0.20
N LYS C 514 -36.52 7.65 -1.08
CA LYS C 514 -35.32 8.37 -1.48
C LYS C 514 -35.02 9.58 -0.61
N ARG C 515 -35.95 9.99 0.27
CA ARG C 515 -35.78 11.23 1.00
C ARG C 515 -35.88 11.05 2.50
N LYS C 516 -36.64 10.04 2.95
CA LYS C 516 -36.89 9.85 4.37
C LYS C 516 -37.75 10.97 4.94
CL CL D . 17.17 8.29 -21.82
CAA Y01 E . 6.80 1.43 -8.96
CBA Y01 E . 5.34 1.59 -9.41
CAB Y01 E . 5.27 2.13 -10.81
CAN Y01 E . 4.51 0.30 -9.20
CAJ Y01 E . 4.73 -0.84 -10.21
CAO Y01 E . 5.63 -2.04 -9.83
CBB Y01 E . 5.45 -2.57 -8.41
CAC Y01 E . 3.96 -2.68 -8.11
CBE Y01 E . 6.27 -3.84 -7.99
CAP Y01 E . 5.98 -4.44 -6.60
CAQ Y01 E . 5.86 -5.92 -6.72
CBG Y01 E . 6.59 -6.19 -8.01
CBI Y01 E . 6.14 -5.06 -8.91
CAE Y01 E . 4.72 -5.29 -9.42
CAU Y01 E . 7.15 -5.12 -10.02
CAS Y01 E . 7.18 -6.48 -10.67
CBF Y01 E . 7.46 -7.56 -9.75
CBD Y01 E . 6.47 -7.52 -8.75
CAK Y01 E . 6.57 -8.58 -7.76
CAI Y01 E . 7.35 -9.82 -7.97
CAZ Y01 E . 7.93 -9.91 -9.21
CAV Y01 E . 8.65 -11.16 -9.37
CBH Y01 E . 7.76 -8.90 -10.28
CAD Y01 E . 6.57 -9.50 -10.98
CAT Y01 E . 8.99 -9.00 -11.17
CAR Y01 E . 9.62 -10.37 -11.21
CBC Y01 E . 9.95 -10.72 -9.82
OAW Y01 E . 10.92 -11.66 -9.49
CAY Y01 E . 10.78 -12.93 -9.97
OAG Y01 E . 10.41 -13.73 -9.14
CAM Y01 E . 11.12 -13.18 -11.41
CAL Y01 E . 9.92 -13.69 -12.19
CAX Y01 E . 10.21 -13.94 -13.67
OAH Y01 E . 10.32 -12.94 -14.41
OAF Y01 E . 10.31 -15.13 -13.99
HAA1 Y01 E . 7.04 0.40 -8.70
HAA2 Y01 E . 7.53 1.73 -9.70
HAA3 Y01 E . 7.05 2.00 -8.06
HBA Y01 E . 4.91 2.37 -8.74
HAB1 Y01 E . 6.15 1.88 -11.41
HAB2 Y01 E . 4.40 1.76 -11.37
HAB3 Y01 E . 5.21 3.23 -10.87
HAN1 Y01 E . 3.45 0.56 -9.20
HAN2 Y01 E . 4.69 -0.06 -8.19
HAJ1 Y01 E . 3.75 -1.21 -10.49
HAJ2 Y01 E . 5.09 -0.43 -11.18
HAO1 Y01 E . 6.69 -1.74 -9.94
HAO2 Y01 E . 5.52 -2.84 -10.56
HBB Y01 E . 5.86 -1.78 -7.73
HAC1 Y01 E . 3.74 -3.61 -7.60
HAC2 Y01 E . 3.60 -1.86 -7.49
HAC3 Y01 E . 3.29 -2.70 -8.96
HBE Y01 E . 7.34 -3.53 -7.97
HAP1 Y01 E . 5.10 -4.01 -6.10
HAP2 Y01 E . 6.75 -4.17 -5.87
HAQ1 Y01 E . 6.29 -6.43 -5.85
HAQ2 Y01 E . 4.82 -6.30 -6.71
HBG Y01 E . 7.66 -6.08 -7.74
HBD Y01 E . 5.47 -7.65 -9.21
HAE1 Y01 E . 4.55 -6.09 -10.12
HAE2 Y01 E . 3.98 -5.51 -8.65
HAE3 Y01 E . 4.33 -4.43 -9.95
HAU1 Y01 E . 8.15 -4.87 -9.65
HAU2 Y01 E . 6.97 -4.31 -10.75
HAS1 Y01 E . 7.94 -6.44 -11.48
HAS2 Y01 E . 6.26 -6.65 -11.24
HBF Y01 E . 8.41 -7.30 -9.35
HAK1 Y01 E . 5.62 -8.98 -7.46
HAK2 Y01 E . 7.01 -8.13 -6.84
HAI Y01 E . 7.41 -10.51 -7.16
HAV1 Y01 E . 8.59 -11.79 -8.48
HAV2 Y01 E . 8.08 -11.86 -10.03
HBC Y01 E . 10.17 -9.84 -9.20
HAD1 Y01 E . 5.69 -8.84 -10.97
HAD2 Y01 E . 6.75 -9.68 -12.04
HAD3 Y01 E . 6.21 -10.43 -10.54
HAT1 Y01 E . 8.77 -8.70 -12.21
HAT2 Y01 E . 9.73 -8.26 -10.82
HAR1 Y01 E . 8.91 -11.07 -11.68
HAR2 Y01 E . 10.51 -10.42 -11.84
HAM1 Y01 E . 11.93 -13.93 -11.45
HAM2 Y01 E . 11.55 -12.29 -11.90
HAL1 Y01 E . 9.56 -14.63 -11.76
HAL2 Y01 E . 9.06 -13.03 -12.08
CAA Y01 F . 9.36 -5.39 3.06
CBA Y01 F . 9.56 -3.88 3.23
CAB Y01 F . 10.85 -3.61 3.98
CAN Y01 F . 9.47 -3.12 1.89
CAJ Y01 F . 10.67 -3.21 0.94
CAO Y01 F . 10.61 -4.17 -0.27
CBB Y01 F . 9.28 -4.20 -1.03
CAC Y01 F . 8.80 -2.78 -1.24
CBE Y01 F . 9.19 -5.09 -2.32
CAP Y01 F . 7.89 -5.01 -3.13
CAQ Y01 F . 8.23 -4.90 -4.59
CBG Y01 F . 9.62 -5.44 -4.62
CBI Y01 F . 10.26 -4.85 -3.39
CAE Y01 F . 10.61 -3.37 -3.58
CAU Y01 F . 11.50 -5.68 -3.22
CAS Y01 F . 12.36 -5.66 -4.46
CBF Y01 F . 11.67 -6.07 -5.68
CBD Y01 F . 10.55 -5.24 -5.83
CAK Y01 F . 9.77 -5.50 -7.02
CAI Y01 F . 10.28 -6.27 -8.17
CAZ Y01 F . 11.59 -6.65 -8.06
CAV Y01 F . 12.05 -7.37 -9.24
CBH Y01 F . 12.44 -6.32 -6.90
CAD Y01 F . 13.07 -5.05 -7.41
CAT Y01 F . 13.51 -7.41 -6.81
CAR Y01 F . 13.85 -8.04 -8.13
CBC Y01 F . 12.59 -8.57 -8.68
OAW Y01 F . 12.56 -9.60 -9.62
CAY Y01 F . 13.21 -9.41 -10.81
OAG Y01 F . 12.48 -9.17 -11.74
CAM Y01 F . 14.71 -9.54 -10.82
CAL Y01 F . 15.38 -8.26 -11.24
CAX Y01 F . 16.91 -8.33 -11.25
OAH Y01 F . 17.48 -8.33 -10.14
OAF Y01 F . 17.43 -8.41 -12.38
HAA1 Y01 F . 9.31 -5.70 2.00
HAA2 Y01 F . 10.14 -6.01 3.49
HAA3 Y01 F . 8.42 -5.77 3.48
HBA Y01 F . 8.73 -3.54 3.88
HAB1 Y01 F . 11.60 -4.40 3.86
HAB2 Y01 F . 11.32 -2.68 3.67
HAB3 Y01 F . 10.72 -3.52 5.08
HAN1 Y01 F . 9.28 -2.06 2.11
HAN2 Y01 F . 8.56 -3.46 1.38
HAJ1 Y01 F . 10.88 -2.21 0.57
HAJ2 Y01 F . 11.59 -3.42 1.50
HAO1 Y01 F . 10.82 -5.20 0.07
HAO2 Y01 F . 11.44 -3.97 -0.95
HBB Y01 F . 8.56 -4.69 -0.34
HAC1 Y01 F . 8.43 -2.64 -2.25
HAC2 Y01 F . 8.02 -2.49 -0.55
HAC3 Y01 F . 9.55 -1.98 -1.15
HBE Y01 F . 9.28 -6.14 -1.98
HAP1 Y01 F . 7.21 -4.20 -2.83
HAP2 Y01 F . 7.23 -5.88 -2.96
HAQ1 Y01 F . 7.51 -5.46 -5.21
HAQ2 Y01 F . 8.13 -3.88 -5.00
HBG Y01 F . 9.49 -6.54 -4.52
HBD Y01 F . 10.89 -4.18 -5.92
HAE1 Y01 F . 11.40 -3.13 -4.28
HAE2 Y01 F . 9.78 -2.76 -3.95
HAE3 Y01 F . 10.93 -2.90 -2.66
HAU1 Y01 F . 11.24 -6.74 -3.01
HAU2 Y01 F . 12.06 -5.40 -2.33
HAS1 Y01 F . 13.25 -6.28 -4.28
HAS2 Y01 F . 12.81 -4.66 -4.59
HBF Y01 F . 11.37 -7.07 -5.44
HAK1 Y01 F . 9.40 -4.60 -7.49
HAK2 Y01 F . 8.86 -6.06 -6.70
HAI Y01 F . 9.61 -6.44 -8.98
HAV1 Y01 F . 11.28 -7.43 -10.00
HAV2 Y01 F . 12.73 -6.71 -9.84
HBC Y01 F . 11.88 -8.86 -7.90
HAD1 Y01 F . 12.82 -4.18 -6.81
HAD2 Y01 F . 14.15 -5.09 -7.43
HAD3 Y01 F . 12.74 -4.78 -8.42
HAT1 Y01 F . 14.43 -7.04 -6.36
HAT2 Y01 F . 13.15 -8.18 -6.11
HAR1 Y01 F . 14.33 -7.30 -8.77
HAR2 Y01 F . 14.60 -8.84 -8.04
HAM1 Y01 F . 14.98 -10.35 -11.52
HAM2 Y01 F . 15.10 -9.90 -9.85
HAL1 Y01 F . 15.07 -7.97 -12.24
HAL2 Y01 F . 15.06 -7.41 -10.64
CL CL G . 22.46 -13.74 12.20
CAA Y01 H . -0.74 -9.75 -5.48
CBA Y01 H . -1.12 -9.96 -4.01
CAB Y01 H . -1.73 -11.33 -3.81
CAN Y01 H . 0.05 -9.67 -3.05
CAJ Y01 H . 1.17 -10.72 -2.95
CAO Y01 H . 2.49 -10.49 -3.70
CBB Y01 H . 3.04 -9.06 -3.67
CAC Y01 H . 2.96 -8.55 -2.24
CBE Y01 H . 4.44 -8.80 -4.34
CAP Y01 H . 5.04 -7.40 -4.18
CAQ Y01 H . 6.49 -7.53 -3.83
CBG Y01 H . 6.81 -8.91 -4.30
CBI Y01 H . 5.59 -9.71 -3.90
CAE Y01 H . 5.60 -10.00 -2.40
CAU Y01 H . 5.75 -10.97 -4.71
CAS Y01 H . 7.07 -11.65 -4.45
CBF Y01 H . 8.22 -10.78 -4.70
CBD Y01 H . 8.09 -9.65 -3.89
CAK Y01 H . 9.18 -8.71 -3.99
CAI Y01 H . 10.51 -9.06 -4.54
CAZ Y01 H . 10.64 -10.38 -4.90
CAV Y01 H . 11.96 -10.67 -5.40
CBH Y01 H . 9.57 -11.39 -4.72
CAD Y01 H . 9.96 -11.91 -3.36
CAT Y01 H . 9.81 -12.46 -5.76
CAR Y01 H . 11.25 -12.63 -6.18
CBC Y01 H . 11.69 -11.30 -6.66
OAW Y01 H . 12.78 -11.15 -7.53
CAY Y01 H . 13.99 -11.62 -7.13
OAG Y01 H . 14.77 -10.77 -6.77
CAM Y01 H . 14.23 -13.09 -7.20
CAL Y01 H . 14.54 -13.69 -5.85
CAX Y01 H . 14.76 -15.20 -5.87
OAH Y01 H . 13.76 -15.93 -6.02
OAF Y01 H . 15.95 -15.56 -5.74
HAA1 Y01 H . 0.33 -9.55 -5.61
HAA2 Y01 H . -0.96 -10.59 -6.14
HAA3 Y01 H . -1.22 -8.89 -5.96
HBA Y01 H . -1.93 -9.22 -3.80
HAB1 Y01 H . -1.37 -12.07 -4.55
HAB2 Y01 H . -1.50 -11.75 -2.83
HAB3 Y01 H . -2.82 -11.36 -3.90
HAN1 Y01 H . -0.37 -9.49 -2.04
HAN2 Y01 H . 0.47 -8.69 -3.33
HAJ1 Y01 H . 1.39 -10.85 -1.89
HAJ2 Y01 H . 0.77 -11.71 -3.21
HAO1 Y01 H . 2.35 -10.77 -4.77
HAO2 Y01 H . 3.24 -11.21 -3.37
HBB Y01 H . 2.35 -8.46 -4.28
HAC1 Y01 H . 3.87 -8.03 -1.96
HAC2 Y01 H . 2.12 -7.87 -2.09
HAC3 Y01 H . 2.85 -9.29 -1.45
HBE Y01 H . 4.29 -8.95 -5.43
HAP1 Y01 H . 4.52 -6.76 -3.46
HAP2 Y01 H . 4.93 -6.79 -5.09
HAQ1 Y01 H . 7.09 -6.73 -4.31
HAQ2 Y01 H . 6.71 -7.36 -2.76
HBG Y01 H . 6.86 -8.81 -5.41
HBD Y01 H . 8.04 -9.96 -2.82
HAE1 Y01 H . 6.35 -10.68 -2.01
HAE2 Y01 H . 5.74 -9.12 -1.76
HAE3 Y01 H . 4.66 -10.45 -2.07
HAU1 Y01 H . 5.66 -10.75 -5.79
HAU2 Y01 H . 4.90 -11.65 -4.55
HAS1 Y01 H . 7.12 -12.56 -5.07
HAS2 Y01 H . 7.09 -12.05 -3.43
HBF Y01 H . 8.12 -10.54 -5.74
HAK1 Y01 H . 9.45 -8.27 -3.03
HAK2 Y01 H . 8.83 -7.87 -4.61
HAI Y01 H . 11.22 -8.28 -4.61
HAV1 Y01 H . 12.61 -9.79 -5.37
HAV2 Y01 H . 12.54 -11.24 -4.64
HBC Y01 H . 10.87 -10.71 -7.09
HAD1 Y01 H . 9.19 -11.74 -2.60
HAD2 Y01 H . 10.13 -12.98 -3.36
HAD3 Y01 H . 10.84 -11.44 -2.94
HAT1 Y01 H . 9.43 -13.44 -5.43
HAT2 Y01 H . 9.19 -12.22 -6.66
HAR1 Y01 H . 11.81 -12.99 -5.33
HAR2 Y01 H . 11.39 -13.38 -6.95
HAM1 Y01 H . 15.08 -13.28 -7.88
HAM2 Y01 H . 13.40 -13.64 -7.68
HAL1 Y01 H . 15.42 -13.23 -5.42
HAL2 Y01 H . 13.76 -13.45 -5.12
CL CL I . -6.60 -24.16 -14.65
#